data_7DML
#
_entry.id   7DML
#
_cell.length_a   58.455
_cell.length_b   105.865
_cell.length_c   94.118
_cell.angle_alpha   90.000
_cell.angle_beta   107.810
_cell.angle_gamma   90.000
#
_symmetry.space_group_name_H-M   'P 1 21 1'
#
loop_
_entity.id
_entity.type
_entity.pdbx_description
1 polymer Beta-lactamase
2 non-polymer '2-[(3R)-1-oxidanyl-3H-2,1-benzoxaborol-3-yl]prop-2-enoic acid'
3 water water
#
_entity_poly.entity_id   1
_entity_poly.type   'polypeptide(L)'
_entity_poly.pdbx_seq_one_letter_code
;MRVLALSAVFLVASIIGMPAVAKEWQENKSWNAHFTEHKSQGVVVLWNENKQQGFTNNLKRANQAFLPASTF(KCX)IPN
SLIALDLGVVKDEHQVFKWDGQTRDIATWNRDHNLITAMKYSVVPVYQEFARQIGEARMSKMLHAFDYGNEDISGNVDSF
WLDGGIRISATEQISFLRKLYHNKLHVSERSQRIVKQAMLTEANGDYIIRAKTGYSTRIEPKIGWWVGWVELDDNVWFFA
MNMDMPTSDGLGLRQAITKEVLKQEKIIP
;
_entity_poly.pdbx_strand_id   A,B,C,D
#
loop_
_chem_comp.id
_chem_comp.type
_chem_comp.name
_chem_comp.formula
H9O non-polymer '2-[(3R)-1-oxidanyl-3H-2,1-benzoxaborol-3-yl]prop-2-enoic acid' 'C10 H9 B O4'
#
# COMPACT_ATOMS: atom_id res chain seq x y z
N TRP A 25 13.56 -32.12 -7.09
CA TRP A 25 14.70 -31.24 -6.85
C TRP A 25 15.67 -31.91 -5.89
N GLN A 26 16.95 -31.91 -6.24
CA GLN A 26 18.00 -32.49 -5.40
C GLN A 26 19.00 -31.40 -5.05
N GLU A 27 19.47 -31.42 -3.82
CA GLU A 27 20.46 -30.46 -3.37
C GLU A 27 21.83 -31.10 -3.42
N ASN A 28 22.80 -30.38 -3.95
CA ASN A 28 24.16 -30.89 -4.10
C ASN A 28 25.09 -29.84 -3.49
N LYS A 29 25.36 -29.97 -2.19
CA LYS A 29 26.17 -28.97 -1.51
C LYS A 29 27.62 -28.97 -1.95
N SER A 30 28.08 -30.02 -2.64
CA SER A 30 29.47 -30.05 -3.07
C SER A 30 29.80 -28.89 -4.00
N TRP A 31 28.82 -28.37 -4.74
CA TRP A 31 29.11 -27.21 -5.60
C TRP A 31 29.49 -25.97 -4.81
N ASN A 32 29.13 -25.91 -3.52
CA ASN A 32 29.56 -24.80 -2.68
C ASN A 32 31.07 -24.65 -2.69
N ALA A 33 31.79 -25.75 -2.91
CA ALA A 33 33.24 -25.65 -3.01
C ALA A 33 33.66 -24.67 -4.09
N HIS A 34 32.89 -24.60 -5.18
CA HIS A 34 33.28 -23.70 -6.27
C HIS A 34 33.13 -22.25 -5.85
N PHE A 35 32.08 -21.94 -5.09
CA PHE A 35 31.93 -20.59 -4.57
C PHE A 35 33.01 -20.29 -3.54
N THR A 36 33.23 -21.21 -2.62
CA THR A 36 34.19 -20.96 -1.55
C THR A 36 35.59 -20.74 -2.10
N GLU A 37 35.93 -21.46 -3.17
CA GLU A 37 37.22 -21.29 -3.82
C GLU A 37 37.50 -19.84 -4.18
N HIS A 38 36.48 -19.06 -4.50
CA HIS A 38 36.62 -17.67 -4.90
C HIS A 38 36.12 -16.71 -3.81
N LYS A 39 35.99 -17.17 -2.59
CA LYS A 39 35.56 -16.32 -1.49
C LYS A 39 34.20 -15.69 -1.77
N SER A 40 33.33 -16.46 -2.43
CA SER A 40 32.01 -16.02 -2.87
C SER A 40 30.90 -16.86 -2.23
N GLN A 41 29.67 -16.37 -2.36
CA GLN A 41 28.48 -17.12 -1.99
C GLN A 41 27.45 -16.95 -3.09
N GLY A 42 26.74 -18.03 -3.39
CA GLY A 42 25.68 -17.91 -4.37
C GLY A 42 25.03 -19.25 -4.62
N VAL A 43 24.23 -19.28 -5.70
CA VAL A 43 23.48 -20.47 -6.03
C VAL A 43 23.61 -20.73 -7.53
N VAL A 44 23.74 -22.01 -7.87
CA VAL A 44 23.56 -22.51 -9.23
C VAL A 44 22.38 -23.46 -9.21
N VAL A 45 21.50 -23.29 -10.17
CA VAL A 45 20.35 -24.16 -10.39
C VAL A 45 20.47 -24.74 -11.79
N LEU A 46 20.35 -26.06 -11.90
CA LEU A 46 20.35 -26.79 -13.17
C LEU A 46 19.03 -27.54 -13.32
N TRP A 47 18.58 -27.67 -14.57
CA TRP A 47 17.38 -28.42 -14.89
C TRP A 47 17.65 -29.32 -16.10
N ASN A 48 17.52 -30.62 -15.90
CA ASN A 48 17.74 -31.63 -16.94
C ASN A 48 16.41 -31.79 -17.65
N GLU A 49 16.33 -31.28 -18.89
CA GLU A 49 15.04 -31.24 -19.57
C GLU A 49 14.52 -32.65 -19.87
N ASN A 50 15.37 -33.53 -20.36
CA ASN A 50 14.90 -34.87 -20.71
C ASN A 50 14.31 -35.56 -19.49
N LYS A 51 15.00 -35.49 -18.35
CA LYS A 51 14.60 -36.24 -17.18
C LYS A 51 13.65 -35.46 -16.27
N GLN A 52 13.41 -34.18 -16.56
CA GLN A 52 12.56 -33.32 -15.73
C GLN A 52 12.99 -33.37 -14.26
N GLN A 53 14.27 -33.11 -14.03
CA GLN A 53 14.89 -33.14 -12.70
C GLN A 53 15.74 -31.90 -12.54
N GLY A 54 15.63 -31.26 -11.37
CA GLY A 54 16.42 -30.08 -11.06
C GLY A 54 17.45 -30.39 -9.99
N PHE A 55 18.55 -29.64 -10.02
CA PHE A 55 19.65 -29.75 -9.06
C PHE A 55 20.12 -28.37 -8.66
N THR A 56 20.51 -28.22 -7.39
CA THR A 56 21.04 -26.94 -6.92
C THR A 56 21.87 -27.16 -5.67
N ASN A 57 22.77 -26.21 -5.41
CA ASN A 57 23.56 -26.28 -4.18
C ASN A 57 22.83 -25.67 -2.99
N ASN A 58 21.70 -24.97 -3.20
CA ASN A 58 21.05 -24.26 -2.10
C ASN A 58 19.58 -24.08 -2.48
N LEU A 59 18.74 -24.97 -1.96
CA LEU A 59 17.31 -24.97 -2.31
C LEU A 59 16.63 -23.70 -1.84
N LYS A 60 17.11 -23.11 -0.74
CA LYS A 60 16.55 -21.84 -0.28
C LYS A 60 16.90 -20.71 -1.23
N ARG A 61 18.19 -20.52 -1.50
CA ARG A 61 18.56 -19.38 -2.33
C ARG A 61 18.08 -19.60 -3.77
N ALA A 62 17.97 -20.87 -4.21
CA ALA A 62 17.46 -21.17 -5.55
C ALA A 62 16.08 -20.58 -5.77
N ASN A 63 15.31 -20.42 -4.71
CA ASN A 63 13.95 -19.89 -4.76
C ASN A 63 13.84 -18.47 -4.23
N GLN A 64 14.97 -17.82 -3.95
CA GLN A 64 14.97 -16.44 -3.49
C GLN A 64 14.85 -15.48 -4.67
N ALA A 65 13.91 -14.55 -4.57
CA ALA A 65 13.60 -13.66 -5.68
C ALA A 65 14.42 -12.37 -5.59
N PHE A 66 15.11 -12.04 -6.67
CA PHE A 66 15.97 -10.85 -6.76
C PHE A 66 15.53 -9.96 -7.92
N LEU A 67 16.04 -8.73 -7.94
CA LEU A 67 15.95 -7.95 -9.15
C LEU A 67 16.61 -8.70 -10.31
N PRO A 68 15.99 -8.74 -11.49
CA PRO A 68 16.60 -9.43 -12.63
C PRO A 68 17.73 -8.66 -13.27
N ALA A 69 17.79 -7.34 -13.06
CA ALA A 69 18.76 -6.48 -13.71
C ALA A 69 18.81 -6.86 -15.20
N SER A 70 19.99 -6.91 -15.82
CA SER A 70 20.03 -7.08 -17.28
C SER A 70 19.53 -8.44 -17.76
N THR A 71 19.25 -9.41 -16.88
CA THR A 71 18.63 -10.63 -17.40
C THR A 71 17.24 -10.33 -17.91
N PHE A 72 16.69 -9.18 -17.53
CA PHE A 72 15.38 -8.73 -18.01
C PHE A 72 15.40 -8.38 -19.50
N KCX A 73 16.61 -8.23 -20.05
CA KCX A 73 16.76 -7.93 -21.46
CB KCX A 73 18.22 -7.67 -21.88
CG KCX A 73 18.62 -6.26 -21.46
CD KCX A 73 20.06 -5.89 -21.76
CE KCX A 73 20.34 -4.44 -21.35
NZ KCX A 73 20.58 -4.36 -19.92
C KCX A 73 16.13 -9.07 -22.27
O KCX A 73 15.74 -8.84 -23.36
CX KCX A 73 19.60 -3.87 -19.03
OQ1 KCX A 73 19.89 -3.90 -17.77
OQ2 KCX A 73 18.52 -3.41 -19.52
N ILE A 74 16.00 -10.29 -21.71
CA ILE A 74 15.40 -11.39 -22.48
C ILE A 74 13.89 -11.11 -22.68
N PRO A 75 13.08 -10.98 -21.62
CA PRO A 75 11.67 -10.62 -21.86
C PRO A 75 11.48 -9.27 -22.53
N ASN A 76 12.30 -8.28 -22.19
CA ASN A 76 12.16 -6.97 -22.83
C ASN A 76 12.37 -7.10 -24.35
N SER A 77 13.37 -7.87 -24.78
CA SER A 77 13.58 -8.09 -26.20
C SER A 77 12.36 -8.74 -26.83
N LEU A 78 11.79 -9.75 -26.17
CA LEU A 78 10.66 -10.47 -26.76
C LEU A 78 9.49 -9.54 -26.98
N ILE A 79 9.19 -8.71 -25.96
CA ILE A 79 8.05 -7.81 -26.04
C ILE A 79 8.30 -6.76 -27.10
N ALA A 80 9.51 -6.19 -27.12
CA ALA A 80 9.84 -5.17 -28.10
C ALA A 80 9.68 -5.69 -29.53
N LEU A 81 10.15 -6.92 -29.78
CA LEU A 81 10.03 -7.53 -31.10
C LEU A 81 8.57 -7.77 -31.45
N ASP A 82 7.80 -8.26 -30.49
CA ASP A 82 6.44 -8.68 -30.81
C ASP A 82 5.52 -7.50 -31.05
N LEU A 83 5.79 -6.37 -30.37
CA LEU A 83 5.09 -5.11 -30.58
C LEU A 83 5.68 -4.24 -31.69
N GLY A 84 6.70 -4.71 -32.40
CA GLY A 84 7.26 -3.97 -33.49
C GLY A 84 8.14 -2.80 -33.08
N VAL A 85 8.39 -2.64 -31.77
CA VAL A 85 9.37 -1.66 -31.32
C VAL A 85 10.72 -1.94 -31.96
N VAL A 86 11.08 -3.22 -32.07
CA VAL A 86 12.26 -3.68 -32.79
C VAL A 86 11.77 -4.46 -34.02
N LYS A 87 12.18 -4.03 -35.21
CA LYS A 87 11.76 -4.64 -36.46
C LYS A 87 12.45 -5.98 -36.69
N ASP A 88 13.77 -6.00 -36.48
CA ASP A 88 14.57 -7.21 -36.63
C ASP A 88 15.91 -6.97 -35.96
N GLU A 89 16.77 -8.02 -35.99
CA GLU A 89 18.03 -8.02 -35.29
C GLU A 89 19.07 -7.13 -35.96
N HIS A 90 18.75 -6.56 -37.12
CA HIS A 90 19.68 -5.67 -37.82
C HIS A 90 19.36 -4.21 -37.64
N GLN A 91 18.15 -3.87 -37.19
CA GLN A 91 17.78 -2.48 -36.99
C GLN A 91 18.77 -1.79 -36.07
N VAL A 92 19.15 -0.55 -36.42
CA VAL A 92 20.20 0.17 -35.71
C VAL A 92 19.54 1.17 -34.78
N PHE A 93 19.92 1.14 -33.51
CA PHE A 93 19.50 2.13 -32.54
C PHE A 93 20.69 3.03 -32.29
N LYS A 94 20.60 4.26 -32.80
CA LYS A 94 21.70 5.19 -32.78
C LYS A 94 22.00 5.63 -31.35
N TRP A 95 23.30 5.74 -31.04
CA TRP A 95 23.72 6.27 -29.76
C TRP A 95 23.14 7.66 -29.56
N ASP A 96 22.62 7.93 -28.37
CA ASP A 96 22.06 9.26 -28.09
C ASP A 96 23.13 10.33 -27.79
N GLY A 97 24.42 10.02 -27.97
CA GLY A 97 25.48 11.00 -27.79
C GLY A 97 25.90 11.25 -26.35
N GLN A 98 25.17 10.70 -25.37
CA GLN A 98 25.54 10.87 -23.98
C GLN A 98 26.61 9.84 -23.62
N THR A 99 27.75 10.33 -23.19
CA THR A 99 28.85 9.46 -22.82
C THR A 99 28.57 8.84 -21.47
N ARG A 100 28.64 7.52 -21.41
CA ARG A 100 28.39 6.79 -20.18
C ARG A 100 29.65 6.02 -19.82
N ASP A 101 29.66 5.44 -18.62
CA ASP A 101 30.89 4.86 -18.06
C ASP A 101 31.33 3.61 -18.80
N ILE A 102 30.39 2.85 -19.37
CA ILE A 102 30.74 1.61 -20.06
C ILE A 102 30.95 1.97 -21.53
N ALA A 103 32.20 1.90 -21.96
CA ALA A 103 32.57 2.44 -23.26
C ALA A 103 31.77 1.81 -24.39
N THR A 104 31.53 0.49 -24.32
CA THR A 104 30.82 -0.20 -25.41
C THR A 104 29.42 0.34 -25.62
N TRP A 105 28.85 1.05 -24.64
CA TRP A 105 27.52 1.62 -24.79
C TRP A 105 27.50 2.89 -25.63
N ASN A 106 28.65 3.51 -25.85
CA ASN A 106 28.71 4.84 -26.47
C ASN A 106 28.87 4.74 -27.98
N ARG A 107 28.00 3.95 -28.61
CA ARG A 107 28.06 3.67 -30.04
C ARG A 107 26.69 3.17 -30.47
N ASP A 108 26.49 3.07 -31.78
CA ASP A 108 25.25 2.53 -32.31
C ASP A 108 25.20 1.02 -32.04
N HIS A 109 23.99 0.49 -31.92
CA HIS A 109 23.81 -0.92 -31.58
C HIS A 109 22.62 -1.48 -32.35
N ASN A 110 22.67 -2.79 -32.59
CA ASN A 110 21.48 -3.53 -32.98
C ASN A 110 21.13 -4.45 -31.82
N LEU A 111 20.11 -5.27 -32.03
CA LEU A 111 19.65 -6.13 -30.95
C LEU A 111 20.74 -7.10 -30.52
N ILE A 112 21.54 -7.60 -31.49
CA ILE A 112 22.59 -8.56 -31.16
C ILE A 112 23.64 -7.92 -30.26
N THR A 113 24.14 -6.75 -30.65
CA THR A 113 25.23 -6.14 -29.89
C THR A 113 24.71 -5.49 -28.60
N ALA A 114 23.46 -5.06 -28.60
CA ALA A 114 22.89 -4.51 -27.37
C ALA A 114 22.70 -5.58 -26.31
N MET A 115 22.40 -6.81 -26.73
CA MET A 115 22.36 -7.91 -25.76
C MET A 115 23.77 -8.25 -25.30
N LYS A 116 24.69 -8.35 -26.25
CA LYS A 116 26.07 -8.75 -25.98
C LYS A 116 26.72 -7.83 -24.96
N TYR A 117 26.56 -6.52 -25.13
CA TYR A 117 27.17 -5.54 -24.26
C TYR A 117 26.23 -4.99 -23.20
N SER A 118 25.02 -5.54 -23.14
CA SER A 118 24.05 -5.24 -22.09
C SER A 118 23.76 -3.74 -22.04
N VAL A 119 23.38 -3.18 -23.20
CA VAL A 119 23.31 -1.72 -23.34
C VAL A 119 22.00 -1.18 -22.78
N VAL A 120 22.04 -0.85 -21.48
CA VAL A 120 20.87 -0.35 -20.75
C VAL A 120 20.11 0.73 -21.50
N PRO A 121 20.72 1.81 -21.96
CA PRO A 121 19.93 2.91 -22.53
C PRO A 121 19.14 2.52 -23.78
N VAL A 122 19.61 1.52 -24.53
CA VAL A 122 18.80 1.05 -25.66
C VAL A 122 17.52 0.43 -25.15
N TYR A 123 17.64 -0.41 -24.10
CA TYR A 123 16.49 -1.13 -23.56
C TYR A 123 15.57 -0.20 -22.76
N GLN A 124 16.12 0.87 -22.19
CA GLN A 124 15.26 1.86 -21.54
C GLN A 124 14.32 2.49 -22.56
N GLU A 125 14.83 2.79 -23.76
CA GLU A 125 13.97 3.36 -24.81
C GLU A 125 12.93 2.36 -25.29
N PHE A 126 13.32 1.09 -25.52
CA PHE A 126 12.32 0.05 -25.75
C PHE A 126 11.19 0.11 -24.71
N ALA A 127 11.54 0.08 -23.42
CA ALA A 127 10.52 0.02 -22.37
C ALA A 127 9.57 1.22 -22.42
N ARG A 128 10.11 2.43 -22.63
N ARG A 128 10.10 2.42 -22.64
CA ARG A 128 9.26 3.60 -22.80
CA ARG A 128 9.25 3.60 -22.77
C ARG A 128 8.28 3.41 -23.95
C ARG A 128 8.30 3.46 -23.96
N GLN A 129 8.79 2.93 -25.08
CA GLN A 129 7.93 2.72 -26.24
C GLN A 129 6.93 1.61 -25.98
N ILE A 130 7.35 0.54 -25.31
CA ILE A 130 6.39 -0.47 -24.93
C ILE A 130 5.29 0.14 -24.06
N GLY A 131 5.68 0.86 -23.02
CA GLY A 131 4.75 1.49 -22.09
C GLY A 131 4.33 0.56 -20.96
N GLU A 132 3.85 1.18 -19.87
CA GLU A 132 3.64 0.42 -18.65
C GLU A 132 2.49 -0.57 -18.78
N ALA A 133 1.38 -0.22 -19.47
CA ALA A 133 0.26 -1.14 -19.51
C ALA A 133 0.60 -2.42 -20.28
N ARG A 134 1.26 -2.28 -21.43
CA ARG A 134 1.64 -3.44 -22.22
C ARG A 134 2.76 -4.22 -21.55
N MET A 135 3.73 -3.53 -20.94
CA MET A 135 4.76 -4.24 -20.19
C MET A 135 4.14 -5.14 -19.14
N SER A 136 3.25 -4.58 -18.31
CA SER A 136 2.63 -5.36 -17.25
C SER A 136 1.84 -6.54 -17.79
N LYS A 137 1.06 -6.33 -18.87
CA LYS A 137 0.25 -7.42 -19.42
C LYS A 137 1.13 -8.55 -19.95
N MET A 138 2.22 -8.20 -20.61
CA MET A 138 3.12 -9.22 -21.16
C MET A 138 3.79 -10.00 -20.05
N LEU A 139 4.23 -9.34 -18.99
CA LEU A 139 4.91 -10.08 -17.91
C LEU A 139 3.95 -11.03 -17.21
N HIS A 140 2.67 -10.63 -17.05
CA HIS A 140 1.66 -11.56 -16.57
C HIS A 140 1.47 -12.74 -17.52
N ALA A 141 1.35 -12.44 -18.83
CA ALA A 141 1.24 -13.52 -19.82
C ALA A 141 2.45 -14.45 -19.77
N PHE A 142 3.63 -13.90 -19.53
CA PHE A 142 4.84 -14.74 -19.40
C PHE A 142 4.96 -15.44 -18.06
N ASP A 143 4.07 -15.14 -17.11
CA ASP A 143 4.17 -15.71 -15.75
C ASP A 143 5.53 -15.38 -15.12
N TYR A 144 6.02 -14.15 -15.34
CA TYR A 144 7.40 -13.79 -15.08
C TYR A 144 7.59 -13.29 -13.65
N GLY A 145 8.19 -14.13 -12.82
CA GLY A 145 8.60 -13.68 -11.51
C GLY A 145 7.39 -13.25 -10.70
N ASN A 146 7.49 -12.12 -10.00
CA ASN A 146 6.35 -11.62 -9.24
C ASN A 146 5.45 -10.67 -10.06
N GLU A 147 5.72 -10.54 -11.36
CA GLU A 147 4.89 -9.81 -12.33
C GLU A 147 4.66 -8.33 -11.95
N ASP A 148 5.51 -7.76 -11.10
CA ASP A 148 5.30 -6.44 -10.52
C ASP A 148 6.28 -5.48 -11.20
N ILE A 149 5.77 -4.51 -11.95
CA ILE A 149 6.64 -3.56 -12.63
C ILE A 149 6.67 -2.20 -11.92
N SER A 150 6.22 -2.15 -10.66
CA SER A 150 6.28 -0.93 -9.88
C SER A 150 7.63 -0.23 -10.03
N GLY A 151 7.59 1.10 -10.17
CA GLY A 151 8.79 1.87 -10.36
C GLY A 151 8.77 2.61 -11.69
N ASN A 152 9.93 3.09 -12.15
CA ASN A 152 9.97 3.79 -13.43
C ASN A 152 9.82 2.77 -14.55
N VAL A 153 8.96 3.08 -15.52
CA VAL A 153 8.80 2.19 -16.66
C VAL A 153 10.14 1.85 -17.31
N ASP A 154 11.12 2.77 -17.24
CA ASP A 154 12.40 2.54 -17.89
C ASP A 154 13.54 2.18 -16.91
N SER A 155 13.22 1.77 -15.67
CA SER A 155 14.27 1.21 -14.82
C SER A 155 13.78 0.18 -13.81
N PHE A 156 12.52 -0.23 -13.86
CA PHE A 156 11.97 -1.06 -12.78
C PHE A 156 12.74 -2.38 -12.62
N TRP A 157 13.34 -2.91 -13.68
CA TRP A 157 14.11 -4.15 -13.56
C TRP A 157 15.47 -3.90 -12.93
N LEU A 158 15.83 -2.65 -12.69
CA LEU A 158 17.07 -2.27 -12.02
C LEU A 158 16.85 -1.70 -10.62
N ASP A 159 15.75 -0.97 -10.40
CA ASP A 159 15.53 -0.39 -9.07
C ASP A 159 14.05 -0.27 -8.71
N GLY A 160 13.18 -1.06 -9.34
CA GLY A 160 11.75 -1.08 -9.04
C GLY A 160 11.33 -2.37 -8.35
N GLY A 161 10.09 -2.81 -8.59
CA GLY A 161 9.47 -3.86 -7.80
C GLY A 161 9.59 -5.29 -8.34
N ILE A 162 10.14 -5.47 -9.53
CA ILE A 162 10.12 -6.80 -10.16
C ILE A 162 11.16 -7.70 -9.48
N ARG A 163 10.73 -8.89 -9.10
CA ARG A 163 11.59 -9.87 -8.43
C ARG A 163 11.40 -11.24 -9.07
N ILE A 164 12.51 -11.96 -9.29
CA ILE A 164 12.46 -13.30 -9.88
C ILE A 164 13.54 -14.16 -9.25
N SER A 165 13.20 -15.43 -8.98
CA SER A 165 14.14 -16.38 -8.42
C SER A 165 14.82 -17.15 -9.54
N ALA A 166 15.92 -17.82 -9.20
CA ALA A 166 16.62 -18.64 -10.19
C ALA A 166 15.73 -19.73 -10.78
N THR A 167 14.92 -20.39 -9.94
CA THR A 167 14.04 -21.44 -10.46
C THR A 167 12.95 -20.86 -11.35
N GLU A 168 12.49 -19.65 -11.06
CA GLU A 168 11.50 -18.97 -11.91
C GLU A 168 12.13 -18.55 -13.24
N GLN A 169 13.40 -18.17 -13.21
CA GLN A 169 14.11 -17.92 -14.47
C GLN A 169 14.10 -19.18 -15.32
N ILE A 170 14.33 -20.33 -14.71
CA ILE A 170 14.34 -21.56 -15.51
C ILE A 170 12.95 -21.83 -16.09
N SER A 171 11.89 -21.64 -15.30
CA SER A 171 10.54 -21.87 -15.83
C SER A 171 10.30 -21.01 -17.07
N PHE A 172 10.69 -19.73 -16.97
CA PHE A 172 10.55 -18.80 -18.09
C PHE A 172 11.38 -19.22 -19.30
N LEU A 173 12.65 -19.54 -19.06
CA LEU A 173 13.54 -19.93 -20.16
C LEU A 173 13.07 -21.19 -20.85
N ARG A 174 12.48 -22.13 -20.10
CA ARG A 174 11.99 -23.35 -20.73
C ARG A 174 10.89 -23.06 -21.73
N LYS A 175 10.00 -22.13 -21.38
CA LYS A 175 8.95 -21.76 -22.33
C LYS A 175 9.55 -21.10 -23.56
N LEU A 176 10.58 -20.28 -23.36
CA LEU A 176 11.23 -19.64 -24.50
C LEU A 176 11.88 -20.70 -25.40
N TYR A 177 12.58 -21.63 -24.78
CA TYR A 177 13.21 -22.69 -25.55
C TYR A 177 12.20 -23.41 -26.44
N HIS A 178 11.01 -23.69 -25.91
CA HIS A 178 10.00 -24.47 -26.62
C HIS A 178 9.08 -23.60 -27.46
N ASN A 179 9.34 -22.30 -27.56
CA ASN A 179 8.50 -21.36 -28.31
C ASN A 179 7.10 -21.29 -27.74
N LYS A 180 6.98 -21.40 -26.42
CA LYS A 180 5.67 -21.46 -25.81
C LYS A 180 5.26 -20.16 -25.16
N LEU A 181 6.08 -19.12 -25.21
CA LEU A 181 5.66 -17.85 -24.65
C LEU A 181 4.62 -17.22 -25.56
N HIS A 182 3.89 -16.27 -25.00
CA HIS A 182 2.74 -15.66 -25.68
C HIS A 182 3.19 -14.50 -26.58
N VAL A 183 4.13 -14.84 -27.47
CA VAL A 183 4.63 -13.97 -28.52
C VAL A 183 4.86 -14.86 -29.72
N SER A 184 5.15 -14.25 -30.87
CA SER A 184 5.31 -15.05 -32.08
C SER A 184 6.52 -15.98 -31.98
N GLU A 185 6.49 -17.04 -32.81
CA GLU A 185 7.66 -17.89 -32.96
C GLU A 185 8.86 -17.09 -33.42
N ARG A 186 8.64 -16.16 -34.36
CA ARG A 186 9.74 -15.35 -34.88
C ARG A 186 10.42 -14.55 -33.78
N SER A 187 9.63 -13.89 -32.92
CA SER A 187 10.21 -13.13 -31.83
C SER A 187 11.08 -14.01 -30.94
N GLN A 188 10.60 -15.22 -30.64
CA GLN A 188 11.33 -16.11 -29.76
C GLN A 188 12.60 -16.63 -30.42
N ARG A 189 12.52 -16.99 -31.71
CA ARG A 189 13.73 -17.39 -32.46
C ARG A 189 14.76 -16.25 -32.51
N ILE A 190 14.32 -15.02 -32.73
CA ILE A 190 15.29 -13.93 -32.83
C ILE A 190 16.00 -13.71 -31.48
N VAL A 191 15.25 -13.78 -30.38
CA VAL A 191 15.88 -13.56 -29.08
C VAL A 191 16.85 -14.70 -28.74
N LYS A 192 16.48 -15.94 -29.05
CA LYS A 192 17.40 -17.05 -28.83
C LYS A 192 18.67 -16.91 -29.68
N GLN A 193 18.55 -16.38 -30.89
CA GLN A 193 19.74 -16.02 -31.67
C GLN A 193 20.56 -14.97 -30.92
N ALA A 194 19.91 -13.95 -30.41
CA ALA A 194 20.61 -12.87 -29.75
C ALA A 194 21.19 -13.30 -28.40
N MET A 195 20.69 -14.38 -27.79
CA MET A 195 21.28 -14.93 -26.57
C MET A 195 22.55 -15.76 -26.82
N LEU A 196 22.90 -16.02 -28.09
CA LEU A 196 24.03 -16.90 -28.35
C LEU A 196 25.29 -16.36 -27.69
N THR A 197 25.90 -17.17 -26.87
CA THR A 197 27.06 -16.79 -26.09
C THR A 197 28.30 -17.61 -26.44
N GLU A 198 28.16 -18.91 -26.61
CA GLU A 198 29.31 -19.75 -26.88
C GLU A 198 28.86 -21.01 -27.61
N ALA A 199 29.70 -21.49 -28.52
CA ALA A 199 29.41 -22.74 -29.17
C ALA A 199 30.72 -23.34 -29.66
N ASN A 200 30.74 -24.67 -29.64
CA ASN A 200 31.80 -25.45 -30.23
C ASN A 200 31.17 -26.78 -30.64
N GLY A 201 31.99 -27.72 -31.03
CA GLY A 201 31.44 -29.01 -31.41
C GLY A 201 30.91 -29.86 -30.27
N ASP A 202 31.01 -29.39 -29.02
CA ASP A 202 30.50 -30.14 -27.87
C ASP A 202 29.20 -29.55 -27.31
N TYR A 203 29.02 -28.25 -27.39
CA TYR A 203 27.84 -27.65 -26.81
C TYR A 203 27.56 -26.26 -27.39
N ILE A 204 26.37 -25.79 -27.09
CA ILE A 204 25.93 -24.43 -27.38
C ILE A 204 25.38 -23.83 -26.09
N ILE A 205 25.81 -22.61 -25.75
CA ILE A 205 25.28 -21.89 -24.61
C ILE A 205 24.53 -20.69 -25.15
N ARG A 206 23.26 -20.58 -24.79
CA ARG A 206 22.46 -19.37 -24.99
C ARG A 206 22.14 -18.82 -23.60
N ALA A 207 22.46 -17.54 -23.37
CA ALA A 207 22.35 -17.05 -22.00
C ALA A 207 22.37 -15.53 -21.97
N LYS A 208 22.10 -14.98 -20.78
CA LYS A 208 22.26 -13.54 -20.54
C LYS A 208 22.80 -13.30 -19.13
N THR A 209 23.79 -12.42 -19.02
CA THR A 209 24.34 -11.96 -17.76
C THR A 209 23.48 -10.85 -17.16
N GLY A 210 23.65 -10.66 -15.86
CA GLY A 210 23.06 -9.51 -15.19
C GLY A 210 23.92 -9.10 -14.01
N TYR A 211 23.80 -7.83 -13.65
CA TYR A 211 24.53 -7.28 -12.50
C TYR A 211 23.62 -6.26 -11.86
N SER A 212 23.09 -6.57 -10.68
CA SER A 212 22.17 -5.70 -9.95
C SER A 212 22.99 -4.95 -8.92
N THR A 213 23.17 -3.63 -9.13
CA THR A 213 23.96 -2.79 -8.25
C THR A 213 23.17 -1.67 -7.59
N ARG A 214 21.96 -1.36 -8.07
CA ARG A 214 21.25 -0.18 -7.59
C ARG A 214 20.62 -0.39 -6.23
N ILE A 215 20.28 -1.63 -5.89
CA ILE A 215 19.61 -1.97 -4.65
C ILE A 215 20.35 -3.15 -4.03
N GLU A 216 20.48 -3.14 -2.71
CA GLU A 216 21.21 -4.23 -2.07
C GLU A 216 20.33 -5.46 -1.98
N PRO A 217 20.94 -6.65 -1.94
CA PRO A 217 22.38 -6.93 -2.06
C PRO A 217 22.82 -6.90 -3.51
N LYS A 218 24.03 -6.40 -3.77
CA LYS A 218 24.55 -6.43 -5.11
C LYS A 218 24.81 -7.88 -5.50
N ILE A 219 24.28 -8.31 -6.66
CA ILE A 219 24.39 -9.70 -7.08
C ILE A 219 24.68 -9.74 -8.58
N GLY A 220 25.40 -10.78 -9.01
CA GLY A 220 25.54 -11.10 -10.42
C GLY A 220 24.65 -12.30 -10.76
N TRP A 221 24.17 -12.30 -12.00
CA TRP A 221 23.35 -13.34 -12.58
C TRP A 221 24.01 -13.91 -13.82
N TRP A 222 23.72 -15.17 -14.09
CA TRP A 222 23.87 -15.75 -15.43
C TRP A 222 22.74 -16.76 -15.60
N VAL A 223 21.93 -16.60 -16.65
CA VAL A 223 20.82 -17.51 -16.87
C VAL A 223 20.74 -17.88 -18.34
N GLY A 224 20.35 -19.13 -18.60
CA GLY A 224 20.25 -19.60 -19.97
C GLY A 224 20.21 -21.10 -20.04
N TRP A 225 20.84 -21.69 -21.05
CA TRP A 225 20.84 -23.14 -21.13
C TRP A 225 22.02 -23.60 -21.98
N VAL A 226 22.25 -24.91 -21.90
CA VAL A 226 23.31 -25.59 -22.62
C VAL A 226 22.63 -26.63 -23.50
N GLU A 227 22.81 -26.49 -24.82
CA GLU A 227 22.25 -27.43 -25.78
C GLU A 227 23.30 -28.48 -26.09
N LEU A 228 22.93 -29.74 -25.90
CA LEU A 228 23.70 -30.89 -26.35
C LEU A 228 22.97 -31.58 -27.50
N ASP A 229 23.62 -32.59 -28.08
CA ASP A 229 23.01 -33.34 -29.18
C ASP A 229 21.63 -33.88 -28.81
N ASP A 230 21.48 -34.40 -27.61
CA ASP A 230 20.29 -35.14 -27.25
C ASP A 230 19.60 -34.66 -25.98
N ASN A 231 19.96 -33.48 -25.46
CA ASN A 231 19.36 -33.00 -24.24
C ASN A 231 19.61 -31.50 -24.19
N VAL A 232 18.88 -30.85 -23.30
CA VAL A 232 19.13 -29.44 -22.96
C VAL A 232 19.18 -29.31 -21.45
N TRP A 233 20.19 -28.59 -20.95
CA TRP A 233 20.35 -28.33 -19.53
C TRP A 233 20.14 -26.83 -19.31
N PHE A 234 19.04 -26.49 -18.66
CA PHE A 234 18.79 -25.10 -18.31
C PHE A 234 19.56 -24.76 -17.03
N PHE A 235 20.03 -23.51 -16.94
CA PHE A 235 20.70 -23.07 -15.75
C PHE A 235 20.32 -21.63 -15.40
N ALA A 236 20.38 -21.36 -14.11
CA ALA A 236 20.24 -20.01 -13.60
C ALA A 236 21.06 -19.91 -12.33
N MET A 237 21.99 -18.96 -12.29
CA MET A 237 22.86 -18.75 -11.15
C MET A 237 22.82 -17.29 -10.71
N ASN A 238 22.96 -17.06 -9.41
CA ASN A 238 23.27 -15.72 -8.93
C ASN A 238 24.25 -15.84 -7.76
N MET A 239 24.97 -14.74 -7.54
CA MET A 239 26.04 -14.73 -6.55
C MET A 239 26.23 -13.32 -6.02
N ASP A 240 26.61 -13.22 -4.75
CA ASP A 240 26.89 -11.91 -4.17
C ASP A 240 28.05 -11.29 -4.95
N MET A 241 27.95 -10.00 -5.23
CA MET A 241 28.87 -9.33 -6.15
C MET A 241 29.16 -7.93 -5.65
N PRO A 242 29.92 -7.80 -4.56
CA PRO A 242 30.15 -6.47 -3.96
C PRO A 242 30.88 -5.51 -4.90
N THR A 243 31.68 -6.01 -5.82
CA THR A 243 32.39 -5.14 -6.75
C THR A 243 32.40 -5.80 -8.13
N SER A 244 32.56 -4.95 -9.14
CA SER A 244 32.58 -5.42 -10.51
C SER A 244 33.75 -6.34 -10.83
N ASP A 245 34.73 -6.45 -9.92
CA ASP A 245 35.95 -7.20 -10.21
C ASP A 245 35.68 -8.70 -10.31
N GLY A 246 34.62 -9.21 -9.66
CA GLY A 246 34.33 -10.62 -9.71
C GLY A 246 33.33 -11.06 -10.76
N LEU A 247 32.99 -10.21 -11.73
CA LEU A 247 31.89 -10.53 -12.64
C LEU A 247 32.19 -11.79 -13.44
N GLY A 248 33.46 -12.00 -13.78
CA GLY A 248 33.83 -13.21 -14.51
C GLY A 248 33.57 -14.50 -13.74
N LEU A 249 33.39 -14.43 -12.43
CA LEU A 249 33.06 -15.61 -11.65
C LEU A 249 31.68 -16.15 -11.98
N ARG A 250 30.81 -15.34 -12.55
CA ARG A 250 29.49 -15.85 -12.90
C ARG A 250 29.62 -17.02 -13.85
N GLN A 251 30.35 -16.81 -14.93
CA GLN A 251 30.54 -17.88 -15.91
C GLN A 251 31.49 -18.95 -15.41
N ALA A 252 32.54 -18.55 -14.67
CA ALA A 252 33.56 -19.53 -14.29
C ALA A 252 32.98 -20.56 -13.32
N ILE A 253 32.19 -20.09 -12.33
CA ILE A 253 31.63 -21.00 -11.34
C ILE A 253 30.55 -21.88 -11.98
N THR A 254 29.69 -21.28 -12.80
CA THR A 254 28.70 -22.07 -13.52
C THR A 254 29.39 -23.18 -14.32
N LYS A 255 30.47 -22.84 -15.03
CA LYS A 255 31.15 -23.85 -15.84
C LYS A 255 31.83 -24.93 -14.99
N GLU A 256 32.32 -24.59 -13.79
CA GLU A 256 32.85 -25.65 -12.92
C GLU A 256 31.75 -26.64 -12.55
N VAL A 257 30.55 -26.14 -12.27
CA VAL A 257 29.41 -27.01 -11.99
C VAL A 257 29.07 -27.85 -13.22
N LEU A 258 28.94 -27.19 -14.38
CA LEU A 258 28.62 -27.93 -15.60
C LEU A 258 29.65 -29.02 -15.87
N LYS A 259 30.94 -28.74 -15.63
CA LYS A 259 31.97 -29.77 -15.83
C LYS A 259 31.83 -30.88 -14.81
N GLN A 260 31.58 -30.54 -13.54
CA GLN A 260 31.43 -31.55 -12.49
C GLN A 260 30.29 -32.49 -12.82
N GLU A 261 29.24 -31.96 -13.41
CA GLU A 261 28.09 -32.79 -13.72
C GLU A 261 28.19 -33.42 -15.11
N LYS A 262 29.35 -33.33 -15.76
CA LYS A 262 29.61 -33.99 -17.04
C LYS A 262 28.73 -33.45 -18.17
N ILE A 263 28.23 -32.23 -18.02
CA ILE A 263 27.42 -31.61 -19.06
C ILE A 263 28.31 -31.04 -20.15
N ILE A 264 29.41 -30.41 -19.76
CA ILE A 264 30.43 -29.97 -20.70
C ILE A 264 31.73 -30.64 -20.30
N PRO A 265 32.66 -30.87 -21.24
CA PRO A 265 33.92 -31.53 -20.93
C PRO A 265 34.78 -30.75 -19.97
N TRP B 25 5.69 -33.43 -6.96
CA TRP B 25 4.63 -32.42 -6.98
C TRP B 25 3.84 -32.34 -8.27
N GLN B 26 2.51 -32.30 -8.14
CA GLN B 26 1.60 -32.16 -9.26
C GLN B 26 0.77 -30.89 -9.11
N GLU B 27 0.48 -30.27 -10.25
CA GLU B 27 -0.34 -29.06 -10.25
C GLU B 27 -1.78 -29.44 -10.60
N ASN B 28 -2.74 -28.86 -9.88
CA ASN B 28 -4.17 -29.08 -10.10
C ASN B 28 -4.81 -27.69 -10.12
N LYS B 29 -4.87 -27.11 -11.31
CA LYS B 29 -5.43 -25.77 -11.43
C LYS B 29 -6.93 -25.70 -11.13
N SER B 30 -7.65 -26.84 -11.08
CA SER B 30 -9.07 -26.76 -10.81
C SER B 30 -9.37 -26.17 -9.44
N TRP B 31 -8.42 -26.21 -8.51
CA TRP B 31 -8.65 -25.53 -7.24
C TRP B 31 -8.74 -24.01 -7.39
N ASN B 32 -8.27 -23.45 -8.52
CA ASN B 32 -8.40 -22.00 -8.68
C ASN B 32 -9.86 -21.56 -8.65
N ALA B 33 -10.78 -22.46 -9.03
CA ALA B 33 -12.21 -22.14 -8.90
C ALA B 33 -12.53 -21.64 -7.51
N HIS B 34 -11.99 -22.29 -6.48
CA HIS B 34 -12.29 -21.89 -5.11
C HIS B 34 -11.75 -20.51 -4.78
N PHE B 35 -10.62 -20.11 -5.39
CA PHE B 35 -10.14 -18.74 -5.23
C PHE B 35 -10.96 -17.77 -6.06
N THR B 36 -11.26 -18.11 -7.31
CA THR B 36 -12.10 -17.24 -8.13
C THR B 36 -13.46 -17.00 -7.49
N GLU B 37 -14.08 -18.05 -6.95
CA GLU B 37 -15.38 -17.88 -6.31
C GLU B 37 -15.39 -16.68 -5.39
N HIS B 38 -14.26 -16.36 -4.74
CA HIS B 38 -14.23 -15.29 -3.75
C HIS B 38 -13.42 -14.08 -4.20
N LYS B 39 -13.22 -13.90 -5.50
CA LYS B 39 -12.46 -12.74 -5.99
C LYS B 39 -11.09 -12.68 -5.30
N SER B 40 -10.47 -13.84 -5.12
CA SER B 40 -9.23 -13.99 -4.37
C SER B 40 -8.14 -14.58 -5.24
N GLN B 41 -6.88 -14.46 -4.79
CA GLN B 41 -5.74 -15.13 -5.41
C GLN B 41 -4.90 -15.77 -4.31
N GLY B 42 -4.39 -16.96 -4.56
CA GLY B 42 -3.46 -17.57 -3.62
C GLY B 42 -3.14 -18.99 -4.04
N VAL B 43 -2.55 -19.73 -3.11
CA VAL B 43 -2.09 -21.09 -3.33
C VAL B 43 -2.46 -21.96 -2.14
N VAL B 44 -2.85 -23.19 -2.43
CA VAL B 44 -2.98 -24.26 -1.45
C VAL B 44 -2.00 -25.32 -1.88
N VAL B 45 -1.24 -25.81 -0.91
CA VAL B 45 -0.34 -26.93 -1.09
C VAL B 45 -0.80 -28.07 -0.17
N LEU B 46 -0.92 -29.26 -0.72
CA LEU B 46 -1.35 -30.43 0.04
C LEU B 46 -0.27 -31.49 -0.07
N TRP B 47 -0.05 -32.25 1.00
CA TRP B 47 0.88 -33.37 0.96
C TRP B 47 0.24 -34.62 1.57
N ASN B 48 0.11 -35.66 0.75
CA ASN B 48 -0.40 -36.97 1.17
C ASN B 48 0.75 -37.74 1.79
N GLU B 49 0.73 -37.91 3.12
CA GLU B 49 1.89 -38.47 3.79
C GLU B 49 2.06 -39.94 3.42
N ASN B 50 0.96 -40.70 3.42
CA ASN B 50 1.06 -42.13 3.05
C ASN B 50 1.69 -42.30 1.67
N LYS B 51 1.19 -41.56 0.68
CA LYS B 51 1.66 -41.72 -0.70
C LYS B 51 2.89 -40.89 -1.04
N GLN B 52 3.29 -39.97 -0.16
CA GLN B 52 4.46 -39.13 -0.42
C GLN B 52 4.28 -38.37 -1.72
N GLN B 53 3.09 -37.83 -1.92
CA GLN B 53 2.73 -37.06 -3.10
C GLN B 53 2.23 -35.68 -2.68
N GLY B 54 2.67 -34.64 -3.38
CA GLY B 54 2.21 -33.28 -3.16
C GLY B 54 1.38 -32.76 -4.32
N PHE B 55 0.50 -31.82 -4.00
CA PHE B 55 -0.45 -31.22 -4.93
C PHE B 55 -0.59 -29.73 -4.63
N THR B 56 -0.70 -28.90 -5.67
CA THR B 56 -0.95 -27.47 -5.50
C THR B 56 -1.66 -26.90 -6.73
N ASN B 57 -2.37 -25.80 -6.53
CA ASN B 57 -2.94 -25.12 -7.68
C ASN B 57 -1.96 -24.21 -8.40
N ASN B 58 -0.79 -23.93 -7.81
CA ASN B 58 0.12 -22.93 -8.40
C ASN B 58 1.54 -23.27 -7.92
N LEU B 59 2.25 -24.04 -8.74
CA LEU B 59 3.60 -24.46 -8.40
C LEU B 59 4.53 -23.28 -8.15
N LYS B 60 4.39 -22.22 -8.95
CA LYS B 60 5.24 -21.05 -8.75
C LYS B 60 4.99 -20.43 -7.38
N ARG B 61 3.74 -20.09 -7.10
CA ARG B 61 3.47 -19.44 -5.82
C ARG B 61 3.75 -20.38 -4.66
N ALA B 62 3.58 -21.70 -4.87
CA ALA B 62 3.88 -22.68 -3.84
C ALA B 62 5.30 -22.53 -3.34
N ASN B 63 6.18 -22.06 -4.21
CA ASN B 63 7.60 -21.94 -3.93
C ASN B 63 8.07 -20.51 -3.71
N GLN B 64 7.16 -19.54 -3.70
CA GLN B 64 7.53 -18.18 -3.37
C GLN B 64 7.54 -18.01 -1.85
N ALA B 65 8.46 -17.20 -1.35
CA ALA B 65 8.67 -17.08 0.09
C ALA B 65 8.14 -15.74 0.61
N PHE B 66 7.51 -15.79 1.77
CA PHE B 66 6.85 -14.65 2.37
C PHE B 66 7.23 -14.59 3.84
N LEU B 67 7.00 -13.45 4.44
CA LEU B 67 7.11 -13.39 5.89
C LEU B 67 6.19 -14.46 6.47
N PRO B 68 6.65 -15.23 7.46
CA PRO B 68 5.75 -16.19 8.12
C PRO B 68 4.70 -15.54 9.01
N ALA B 69 4.95 -14.32 9.49
CA ALA B 69 4.10 -13.68 10.49
C ALA B 69 3.72 -14.69 11.59
N SER B 70 2.46 -14.76 12.00
CA SER B 70 2.13 -15.56 13.17
C SER B 70 2.30 -17.06 12.94
N THR B 71 2.51 -17.54 11.71
CA THR B 71 2.83 -18.97 11.62
C THR B 71 4.18 -19.26 12.28
N PHE B 72 4.97 -18.21 12.51
CA PHE B 72 6.23 -18.32 13.23
C PHE B 72 6.02 -18.74 14.70
N KCX B 73 4.79 -18.63 15.20
CA KCX B 73 4.55 -19.00 16.60
CB KCX B 73 3.13 -18.62 17.06
CG KCX B 73 3.02 -17.12 17.20
CD KCX B 73 1.67 -16.64 17.72
CE KCX B 73 1.69 -15.16 18.03
NZ KCX B 73 1.66 -14.39 16.80
C KCX B 73 4.78 -20.51 16.78
O KCX B 73 5.00 -20.96 17.86
CX KCX B 73 2.85 -13.68 16.35
OQ1 KCX B 73 3.89 -13.70 17.06
OQ2 KCX B 73 2.83 -13.11 15.24
N ILE B 74 4.78 -21.30 15.69
CA ILE B 74 5.04 -22.76 15.84
C ILE B 74 6.54 -22.96 16.24
N PRO B 75 7.50 -22.52 15.40
CA PRO B 75 8.91 -22.68 15.83
C PRO B 75 9.27 -21.88 17.07
N ASN B 76 8.67 -20.69 17.23
CA ASN B 76 8.96 -19.90 18.42
C ASN B 76 8.54 -20.66 19.67
N SER B 77 7.36 -21.29 19.63
CA SER B 77 6.90 -22.06 20.78
C SER B 77 7.86 -23.20 21.07
N LEU B 78 8.29 -23.93 20.02
CA LEU B 78 9.19 -25.08 20.21
C LEU B 78 10.48 -24.64 20.89
N ILE B 79 11.10 -23.58 20.37
CA ILE B 79 12.37 -23.10 20.93
C ILE B 79 12.19 -22.64 22.38
N ALA B 80 11.12 -21.92 22.67
CA ALA B 80 10.89 -21.43 24.02
C ALA B 80 10.74 -22.58 25.02
N LEU B 81 9.98 -23.60 24.65
CA LEU B 81 9.80 -24.76 25.51
C LEU B 81 11.12 -25.48 25.70
N ASP B 82 11.85 -25.69 24.62
CA ASP B 82 13.05 -26.51 24.73
C ASP B 82 14.13 -25.80 25.54
N LEU B 83 14.17 -24.47 25.52
CA LEU B 83 15.14 -23.73 26.32
C LEU B 83 14.65 -23.43 27.74
N GLY B 84 13.42 -23.82 28.09
CA GLY B 84 12.89 -23.57 29.40
C GLY B 84 12.39 -22.16 29.58
N VAL B 85 12.35 -21.37 28.51
CA VAL B 85 11.68 -20.07 28.58
C VAL B 85 10.22 -20.26 28.94
N VAL B 86 9.57 -21.25 28.34
CA VAL B 86 8.23 -21.67 28.73
C VAL B 86 8.36 -23.02 29.42
N LYS B 87 7.84 -23.11 30.64
CA LYS B 87 8.01 -24.34 31.42
C LYS B 87 6.99 -25.41 31.01
N ASP B 88 5.75 -25.03 30.76
CA ASP B 88 4.73 -25.94 30.27
C ASP B 88 3.59 -25.11 29.69
N GLU B 89 2.59 -25.81 29.16
CA GLU B 89 1.47 -25.16 28.48
C GLU B 89 0.51 -24.44 29.43
N HIS B 90 0.73 -24.52 30.76
CA HIS B 90 -0.13 -23.86 31.74
C HIS B 90 0.49 -22.60 32.31
N GLN B 91 1.78 -22.43 32.18
CA GLN B 91 2.44 -21.26 32.73
C GLN B 91 1.76 -20.00 32.23
N VAL B 92 1.49 -19.08 33.16
CA VAL B 92 0.72 -17.87 32.89
C VAL B 92 1.67 -16.75 32.53
N PHE B 93 1.40 -16.09 31.39
CA PHE B 93 2.14 -14.93 30.95
C PHE B 93 1.18 -13.77 31.15
N LYS B 94 1.45 -13.00 32.19
CA LYS B 94 0.51 -11.98 32.64
C LYS B 94 0.47 -10.84 31.66
N TRP B 95 -0.75 -10.36 31.38
CA TRP B 95 -0.89 -9.19 30.53
C TRP B 95 -0.12 -8.03 31.13
N ASP B 96 0.55 -7.26 30.27
CA ASP B 96 1.30 -6.09 30.70
C ASP B 96 0.41 -4.88 30.96
N GLY B 97 -0.90 -5.05 30.92
CA GLY B 97 -1.80 -3.94 31.24
C GLY B 97 -1.85 -2.85 30.20
N GLN B 98 -1.34 -3.11 29.01
CA GLN B 98 -1.31 -2.15 27.93
C GLN B 98 -2.34 -2.56 26.90
N THR B 99 -3.39 -1.75 26.75
CA THR B 99 -4.50 -2.14 25.89
C THR B 99 -4.12 -2.05 24.43
N ARG B 100 -4.31 -3.16 23.69
CA ARG B 100 -4.02 -3.25 22.27
C ARG B 100 -5.29 -3.55 21.48
N ASP B 101 -5.16 -3.46 20.15
CA ASP B 101 -6.33 -3.46 19.25
C ASP B 101 -7.15 -4.72 19.41
N ILE B 102 -6.51 -5.89 19.37
CA ILE B 102 -7.22 -7.17 19.45
C ILE B 102 -7.55 -7.44 20.90
N ALA B 103 -8.84 -7.45 21.23
CA ALA B 103 -9.25 -7.45 22.64
C ALA B 103 -8.77 -8.69 23.37
N THR B 104 -8.75 -9.84 22.70
CA THR B 104 -8.32 -11.05 23.37
C THR B 104 -6.85 -11.00 23.80
N TRP B 105 -6.08 -10.04 23.31
CA TRP B 105 -4.69 -9.89 23.78
C TRP B 105 -4.61 -9.26 25.15
N ASN B 106 -5.66 -8.60 25.58
CA ASN B 106 -5.61 -7.76 26.78
C ASN B 106 -6.03 -8.58 28.01
N ARG B 107 -5.32 -9.68 28.22
CA ARG B 107 -5.61 -10.61 29.30
C ARG B 107 -4.41 -11.51 29.49
N ASP B 108 -4.42 -12.25 30.60
CA ASP B 108 -3.40 -13.25 30.85
C ASP B 108 -3.51 -14.36 29.79
N HIS B 109 -2.38 -14.99 29.50
CA HIS B 109 -2.37 -16.08 28.53
C HIS B 109 -1.43 -17.18 28.96
N ASN B 110 -1.73 -18.38 28.51
CA ASN B 110 -0.75 -19.47 28.56
C ASN B 110 -0.45 -19.86 27.12
N LEU B 111 0.33 -20.93 26.94
CA LEU B 111 0.78 -21.24 25.60
C LEU B 111 -0.40 -21.58 24.70
N ILE B 112 -1.39 -22.30 25.24
CA ILE B 112 -2.56 -22.68 24.46
C ILE B 112 -3.30 -21.45 23.97
N THR B 113 -3.58 -20.51 24.89
CA THR B 113 -4.43 -19.40 24.49
C THR B 113 -3.64 -18.36 23.70
N ALA B 114 -2.34 -18.26 23.94
CA ALA B 114 -1.51 -17.35 23.17
C ALA B 114 -1.45 -17.77 21.72
N MET B 115 -1.36 -19.07 21.48
CA MET B 115 -1.43 -19.58 20.12
C MET B 115 -2.78 -19.34 19.51
N LYS B 116 -3.84 -19.69 20.24
CA LYS B 116 -5.20 -19.59 19.74
C LYS B 116 -5.53 -18.17 19.27
N TYR B 117 -5.16 -17.17 20.06
CA TYR B 117 -5.50 -15.78 19.73
C TYR B 117 -4.33 -15.03 19.10
N SER B 118 -3.25 -15.73 18.77
CA SER B 118 -2.11 -15.16 18.05
C SER B 118 -1.54 -13.95 18.80
N VAL B 119 -1.22 -14.14 20.09
CA VAL B 119 -0.91 -13.02 20.96
C VAL B 119 0.55 -12.60 20.82
N VAL B 120 0.78 -11.61 19.94
CA VAL B 120 2.15 -11.20 19.60
C VAL B 120 2.95 -10.84 20.83
N PRO B 121 2.45 -10.00 21.75
CA PRO B 121 3.30 -9.53 22.85
C PRO B 121 3.85 -10.67 23.71
N VAL B 122 3.09 -11.75 23.88
CA VAL B 122 3.61 -12.91 24.61
C VAL B 122 4.80 -13.50 23.86
N TYR B 123 4.65 -13.66 22.56
CA TYR B 123 5.71 -14.28 21.78
C TYR B 123 6.91 -13.37 21.60
N GLN B 124 6.71 -12.05 21.64
CA GLN B 124 7.84 -11.13 21.64
C GLN B 124 8.70 -11.33 22.88
N GLU B 125 8.05 -11.47 24.05
CA GLU B 125 8.78 -11.77 25.29
C GLU B 125 9.54 -13.08 25.16
N PHE B 126 8.91 -14.12 24.61
CA PHE B 126 9.62 -15.37 24.39
C PHE B 126 10.89 -15.14 23.60
N ALA B 127 10.77 -14.38 22.50
CA ALA B 127 11.89 -14.21 21.58
C ALA B 127 13.04 -13.44 22.21
N ARG B 128 12.73 -12.39 22.99
CA ARG B 128 13.77 -11.67 23.70
C ARG B 128 14.54 -12.57 24.64
N GLN B 129 13.84 -13.48 25.34
CA GLN B 129 14.49 -14.38 26.28
C GLN B 129 15.30 -15.45 25.56
N ILE B 130 14.80 -15.90 24.42
CA ILE B 130 15.59 -16.81 23.60
C ILE B 130 16.88 -16.14 23.17
N GLY B 131 16.77 -14.92 22.65
CA GLY B 131 17.90 -14.17 22.15
C GLY B 131 18.26 -14.51 20.71
N GLU B 132 18.99 -13.60 20.07
CA GLU B 132 19.21 -13.72 18.63
C GLU B 132 20.08 -14.92 18.28
N ALA B 133 21.12 -15.21 19.06
CA ALA B 133 22.05 -16.29 18.70
C ALA B 133 21.35 -17.66 18.76
N ARG B 134 20.63 -17.94 19.84
CA ARG B 134 19.96 -19.23 19.94
C ARG B 134 18.78 -19.32 18.99
N MET B 135 18.10 -18.20 18.76
CA MET B 135 17.02 -18.22 17.75
C MET B 135 17.58 -18.58 16.37
N SER B 136 18.64 -17.90 15.94
CA SER B 136 19.26 -18.24 14.66
C SER B 136 19.74 -19.69 14.64
N LYS B 137 20.43 -20.13 15.70
CA LYS B 137 20.92 -21.50 15.77
C LYS B 137 19.80 -22.50 15.57
N MET B 138 18.68 -22.31 16.28
CA MET B 138 17.58 -23.26 16.21
C MET B 138 16.89 -23.24 14.86
N LEU B 139 16.69 -22.07 14.26
CA LEU B 139 16.07 -22.05 12.94
C LEU B 139 16.92 -22.79 11.92
N HIS B 140 18.24 -22.64 11.99
N HIS B 140 18.25 -22.65 11.99
CA HIS B 140 19.12 -23.43 11.13
CA HIS B 140 19.09 -23.45 11.11
C HIS B 140 18.98 -24.92 11.42
C HIS B 140 18.92 -24.93 11.42
N ALA B 141 18.90 -25.29 12.70
CA ALA B 141 18.69 -26.71 13.05
C ALA B 141 17.39 -27.23 12.48
N PHE B 142 16.35 -26.39 12.47
CA PHE B 142 15.05 -26.76 11.92
C PHE B 142 14.99 -26.66 10.40
N ASP B 143 16.04 -26.16 9.75
CA ASP B 143 16.00 -25.93 8.31
C ASP B 143 14.80 -25.07 7.94
N TYR B 144 14.49 -24.06 8.76
CA TYR B 144 13.24 -23.31 8.67
C TYR B 144 13.39 -22.17 7.68
N GLY B 145 12.69 -22.27 6.55
CA GLY B 145 12.65 -21.20 5.57
C GLY B 145 14.05 -20.78 5.16
N ASN B 146 14.27 -19.47 5.05
CA ASN B 146 15.58 -18.96 4.67
C ASN B 146 16.51 -18.80 5.87
N GLU B 147 16.05 -19.16 7.09
CA GLU B 147 16.89 -19.21 8.28
C GLU B 147 17.44 -17.84 8.68
N ASP B 148 16.85 -16.77 8.16
CA ASP B 148 17.40 -15.40 8.29
C ASP B 148 16.56 -14.62 9.31
N ILE B 149 17.17 -14.24 10.43
CA ILE B 149 16.45 -13.50 11.47
C ILE B 149 16.86 -12.03 11.52
N SER B 150 17.45 -11.51 10.44
CA SER B 150 17.72 -10.09 10.31
C SER B 150 16.57 -9.22 10.82
N GLY B 151 16.92 -8.16 11.54
CA GLY B 151 15.96 -7.27 12.14
C GLY B 151 15.94 -7.44 13.63
N ASN B 152 14.84 -7.02 14.24
CA ASN B 152 14.76 -7.10 15.71
C ASN B 152 14.33 -8.50 16.15
N VAL B 153 14.98 -9.01 17.20
CA VAL B 153 14.72 -10.37 17.63
C VAL B 153 13.27 -10.55 18.02
N ASP B 154 12.57 -9.47 18.38
CA ASP B 154 11.18 -9.57 18.78
C ASP B 154 10.19 -9.10 17.72
N SER B 155 10.62 -8.89 16.49
CA SER B 155 9.68 -8.59 15.41
C SER B 155 10.07 -9.15 14.04
N PHE B 156 11.18 -9.89 13.90
CA PHE B 156 11.69 -10.22 12.58
C PHE B 156 10.72 -11.06 11.75
N TRP B 157 9.82 -11.81 12.39
CA TRP B 157 8.82 -12.61 11.67
C TRP B 157 7.69 -11.76 11.13
N LEU B 158 7.66 -10.47 11.50
CA LEU B 158 6.67 -9.50 11.04
C LEU B 158 7.27 -8.44 10.14
N ASP B 159 8.55 -8.11 10.31
CA ASP B 159 9.13 -7.09 9.45
C ASP B 159 10.64 -7.22 9.29
N GLY B 160 11.20 -8.39 9.57
CA GLY B 160 12.60 -8.69 9.39
C GLY B 160 12.86 -9.49 8.13
N GLY B 161 13.95 -10.25 8.15
CA GLY B 161 14.49 -10.88 6.96
C GLY B 161 14.02 -12.29 6.69
N ILE B 162 13.29 -12.89 7.63
CA ILE B 162 12.91 -14.29 7.51
C ILE B 162 11.82 -14.45 6.46
N ARG B 163 11.93 -15.49 5.64
CA ARG B 163 10.99 -15.78 4.57
C ARG B 163 10.83 -17.27 4.49
N ILE B 164 9.62 -17.73 4.20
CA ILE B 164 9.32 -19.15 4.08
C ILE B 164 8.23 -19.31 3.00
N SER B 165 8.37 -20.37 2.18
CA SER B 165 7.38 -20.72 1.18
C SER B 165 6.37 -21.72 1.74
N ALA B 166 5.24 -21.85 1.03
CA ALA B 166 4.24 -22.84 1.43
C ALA B 166 4.84 -24.25 1.42
N THR B 167 5.67 -24.58 0.43
CA THR B 167 6.27 -25.92 0.40
C THR B 167 7.26 -26.11 1.55
N GLU B 168 8.01 -25.06 1.90
CA GLU B 168 8.90 -25.14 3.07
C GLU B 168 8.12 -25.29 4.39
N GLN B 169 6.92 -24.71 4.48
CA GLN B 169 6.09 -24.92 5.67
C GLN B 169 5.78 -26.40 5.84
N ILE B 170 5.42 -27.06 4.75
CA ILE B 170 5.09 -28.48 4.80
C ILE B 170 6.31 -29.28 5.26
N SER B 171 7.49 -28.99 4.71
CA SER B 171 8.68 -29.74 5.12
C SER B 171 8.92 -29.62 6.61
N PHE B 172 8.79 -28.41 7.13
CA PHE B 172 8.95 -28.19 8.57
C PHE B 172 7.87 -28.92 9.38
N LEU B 173 6.60 -28.78 8.98
CA LEU B 173 5.50 -29.40 9.72
C LEU B 173 5.61 -30.92 9.73
N ARG B 174 6.09 -31.51 8.63
CA ARG B 174 6.26 -32.97 8.59
C ARG B 174 7.25 -33.42 9.66
N LYS B 175 8.34 -32.67 9.84
CA LYS B 175 9.31 -33.03 10.87
C LYS B 175 8.69 -32.94 12.25
N LEU B 176 7.92 -31.88 12.50
CA LEU B 176 7.23 -31.73 13.79
C LEU B 176 6.25 -32.88 14.03
N TYR B 177 5.43 -33.22 13.01
CA TYR B 177 4.50 -34.32 13.13
C TYR B 177 5.20 -35.59 13.61
N HIS B 178 6.39 -35.86 13.06
CA HIS B 178 7.15 -37.08 13.29
C HIS B 178 8.12 -36.98 14.46
N ASN B 179 8.07 -35.90 15.23
CA ASN B 179 8.98 -35.68 16.35
C ASN B 179 10.44 -35.73 15.93
N LYS B 180 10.74 -35.29 14.71
CA LYS B 180 12.07 -35.32 14.15
C LYS B 180 12.83 -34.00 14.27
N LEU B 181 12.21 -32.93 14.76
CA LEU B 181 12.98 -31.71 14.92
C LEU B 181 13.97 -31.83 16.09
N HIS B 182 15.00 -30.99 16.04
CA HIS B 182 16.09 -31.09 16.99
C HIS B 182 15.75 -30.34 18.28
N VAL B 183 14.62 -30.73 18.86
CA VAL B 183 14.21 -30.39 20.20
C VAL B 183 13.62 -31.65 20.83
N SER B 184 13.25 -31.57 22.11
CA SER B 184 12.79 -32.77 22.81
C SER B 184 11.45 -33.23 22.26
N GLU B 185 11.19 -34.54 22.41
CA GLU B 185 9.86 -35.07 22.13
C GLU B 185 8.80 -34.26 22.87
N ARG B 186 9.04 -33.97 24.15
CA ARG B 186 8.06 -33.26 24.99
C ARG B 186 7.72 -31.91 24.39
N SER B 187 8.74 -31.16 23.96
CA SER B 187 8.50 -29.85 23.37
C SER B 187 7.62 -29.97 22.14
N GLN B 188 7.88 -31.00 21.33
CA GLN B 188 7.12 -31.19 20.10
C GLN B 188 5.67 -31.59 20.38
N ARG B 189 5.46 -32.51 21.34
CA ARG B 189 4.12 -32.86 21.76
C ARG B 189 3.34 -31.63 22.26
N ILE B 190 3.99 -30.78 23.07
CA ILE B 190 3.23 -29.67 23.66
C ILE B 190 2.79 -28.69 22.57
N VAL B 191 3.69 -28.38 21.64
CA VAL B 191 3.32 -27.48 20.55
C VAL B 191 2.20 -28.08 19.69
N LYS B 192 2.23 -29.39 19.48
CA LYS B 192 1.17 -29.97 18.64
C LYS B 192 -0.16 -29.92 19.36
N GLN B 193 -0.16 -30.11 20.69
CA GLN B 193 -1.36 -29.83 21.48
C GLN B 193 -1.81 -28.39 21.30
N ALA B 194 -0.89 -27.44 21.45
CA ALA B 194 -1.23 -26.05 21.31
C ALA B 194 -1.72 -25.70 19.91
N MET B 195 -1.36 -26.48 18.87
CA MET B 195 -1.83 -26.24 17.51
C MET B 195 -3.25 -26.71 17.27
N LEU B 196 -3.85 -27.41 18.22
CA LEU B 196 -5.18 -27.99 18.03
C LEU B 196 -6.17 -26.90 17.67
N THR B 197 -6.84 -27.11 16.54
CA THR B 197 -7.76 -26.13 16.00
C THR B 197 -9.18 -26.65 15.90
N GLU B 198 -9.36 -27.88 15.40
CA GLU B 198 -10.69 -28.43 15.20
C GLU B 198 -10.55 -29.94 15.29
N ALA B 199 -11.58 -30.59 15.85
CA ALA B 199 -11.60 -32.05 15.95
C ALA B 199 -13.04 -32.55 15.98
N ASN B 200 -13.28 -33.67 15.33
CA ASN B 200 -14.56 -34.34 15.46
C ASN B 200 -14.35 -35.81 15.10
N GLY B 201 -15.43 -36.52 14.79
CA GLY B 201 -15.31 -37.94 14.52
C GLY B 201 -14.71 -38.28 13.17
N ASP B 202 -14.51 -37.27 12.32
CA ASP B 202 -13.95 -37.48 11.00
C ASP B 202 -12.51 -37.01 10.83
N TYR B 203 -12.06 -36.02 11.59
CA TYR B 203 -10.70 -35.54 11.39
C TYR B 203 -10.28 -34.67 12.58
N ILE B 204 -8.95 -34.47 12.69
CA ILE B 204 -8.33 -33.53 13.62
C ILE B 204 -7.49 -32.56 12.78
N ILE B 205 -7.67 -31.26 12.98
CA ILE B 205 -6.83 -30.26 12.35
C ILE B 205 -5.94 -29.61 13.41
N ARG B 206 -4.63 -29.67 13.19
CA ARG B 206 -3.64 -28.93 13.96
C ARG B 206 -3.01 -27.92 13.00
N ALA B 207 -3.07 -26.63 13.36
CA ALA B 207 -2.73 -25.60 12.38
C ALA B 207 -2.44 -24.30 13.10
N LYS B 208 -1.92 -23.34 12.33
CA LYS B 208 -1.74 -21.98 12.83
C LYS B 208 -2.01 -21.00 11.69
N THR B 209 -2.78 -19.97 11.98
CA THR B 209 -3.03 -18.86 11.07
C THR B 209 -1.90 -17.85 11.13
N GLY B 210 -1.85 -17.03 10.09
CA GLY B 210 -1.01 -15.85 10.11
C GLY B 210 -1.52 -14.81 9.14
N TYR B 211 -1.05 -13.59 9.35
CA TYR B 211 -1.49 -12.41 8.62
C TYR B 211 -0.30 -11.46 8.57
N SER B 212 0.19 -11.17 7.36
CA SER B 212 1.38 -10.34 7.15
C SER B 212 1.01 -9.13 6.31
N THR B 213 1.23 -7.93 6.87
CA THR B 213 0.90 -6.69 6.17
C THR B 213 2.04 -5.67 6.09
N ARG B 214 3.19 -5.91 6.74
CA ARG B 214 4.18 -4.84 6.85
C ARG B 214 5.03 -4.69 5.61
N ILE B 215 5.04 -5.70 4.72
CA ILE B 215 5.69 -5.66 3.43
C ILE B 215 4.71 -6.30 2.45
N GLU B 216 4.84 -5.97 1.19
CA GLU B 216 3.92 -6.46 0.17
C GLU B 216 4.41 -7.80 -0.30
N PRO B 217 3.52 -8.65 -0.84
CA PRO B 217 2.07 -8.52 -0.84
C PRO B 217 1.54 -8.82 0.55
N LYS B 218 0.48 -8.12 0.96
CA LYS B 218 -0.19 -8.47 2.20
C LYS B 218 -0.87 -9.81 1.99
N ILE B 219 -0.67 -10.74 2.93
CA ILE B 219 -1.16 -12.10 2.74
C ILE B 219 -1.71 -12.65 4.05
N GLY B 220 -2.57 -13.65 3.90
CA GLY B 220 -3.00 -14.50 5.01
C GLY B 220 -2.41 -15.88 4.77
N TRP B 221 -2.06 -16.54 5.87
CA TRP B 221 -1.53 -17.90 5.90
C TRP B 221 -2.49 -18.81 6.66
N TRP B 222 -2.53 -20.08 6.26
CA TRP B 222 -3.01 -21.15 7.16
C TRP B 222 -2.16 -22.38 6.88
N VAL B 223 -1.47 -22.89 7.90
CA VAL B 223 -0.59 -24.04 7.70
C VAL B 223 -0.82 -25.05 8.81
N GLY B 224 -0.71 -26.33 8.47
CA GLY B 224 -0.95 -27.35 9.49
C GLY B 224 -1.13 -28.69 8.84
N TRP B 225 -1.98 -29.50 9.47
CA TRP B 225 -2.30 -30.78 8.86
C TRP B 225 -3.66 -31.26 9.34
N VAL B 226 -4.15 -32.29 8.64
CA VAL B 226 -5.42 -32.94 8.90
C VAL B 226 -5.13 -34.40 9.20
N GLU B 227 -5.45 -34.84 10.41
CA GLU B 227 -5.20 -36.21 10.83
C GLU B 227 -6.46 -37.03 10.58
N LEU B 228 -6.29 -38.14 9.88
CA LEU B 228 -7.36 -39.12 9.66
C LEU B 228 -7.01 -40.42 10.38
N ASP B 229 -7.97 -41.36 10.40
CA ASP B 229 -7.70 -42.65 11.03
C ASP B 229 -6.45 -43.29 10.47
N ASP B 230 -6.27 -43.22 9.15
CA ASP B 230 -5.24 -44.00 8.48
C ASP B 230 -4.32 -43.17 7.57
N ASN B 231 -4.27 -41.85 7.74
CA ASN B 231 -3.38 -41.03 6.93
C ASN B 231 -3.34 -39.65 7.56
N VAL B 232 -2.37 -38.85 7.12
CA VAL B 232 -2.33 -37.43 7.46
C VAL B 232 -2.06 -36.64 6.21
N TRP B 233 -2.79 -35.54 6.05
CA TRP B 233 -2.65 -34.60 4.93
C TRP B 233 -2.08 -33.29 5.51
N PHE B 234 -0.86 -32.97 5.12
CA PHE B 234 -0.28 -31.68 5.45
C PHE B 234 -0.78 -30.63 4.48
N PHE B 235 -0.96 -29.42 4.98
CA PHE B 235 -1.38 -28.34 4.12
C PHE B 235 -0.67 -27.03 4.47
N ALA B 236 -0.51 -26.19 3.45
CA ALA B 236 -0.05 -24.83 3.65
C ALA B 236 -0.69 -23.98 2.57
N MET B 237 -1.31 -22.88 2.99
CA MET B 237 -1.94 -21.98 2.06
C MET B 237 -1.54 -20.55 2.40
N ASN B 238 -1.41 -19.73 1.36
CA ASN B 238 -1.40 -18.29 1.56
C ASN B 238 -2.17 -17.65 0.42
N MET B 239 -2.71 -16.47 0.72
CA MET B 239 -3.60 -15.80 -0.21
C MET B 239 -3.41 -14.30 -0.02
N ASP B 240 -3.62 -13.55 -1.12
CA ASP B 240 -3.61 -12.10 -1.01
C ASP B 240 -4.70 -11.64 -0.05
N MET B 241 -4.36 -10.65 0.76
CA MET B 241 -5.23 -10.17 1.85
C MET B 241 -5.15 -8.65 1.89
N PRO B 242 -5.80 -7.98 0.93
CA PRO B 242 -5.72 -6.50 0.85
C PRO B 242 -6.34 -5.79 2.04
N THR B 243 -7.35 -6.38 2.65
CA THR B 243 -7.91 -5.88 3.91
C THR B 243 -8.12 -7.08 4.83
N SER B 244 -8.27 -6.77 6.12
CA SER B 244 -8.59 -7.82 7.09
C SER B 244 -9.94 -8.47 6.87
N ASP B 245 -10.83 -7.88 6.07
CA ASP B 245 -12.18 -8.43 5.93
C ASP B 245 -12.18 -9.87 5.45
N GLY B 246 -11.14 -10.28 4.74
CA GLY B 246 -11.13 -11.57 4.08
C GLY B 246 -10.45 -12.68 4.85
N LEU B 247 -10.09 -12.44 6.12
CA LEU B 247 -9.24 -13.39 6.82
C LEU B 247 -9.89 -14.77 6.96
N GLY B 248 -11.22 -14.82 7.07
CA GLY B 248 -11.89 -16.10 7.19
C GLY B 248 -11.81 -16.95 5.95
N LEU B 249 -11.43 -16.36 4.82
CA LEU B 249 -11.27 -17.14 3.60
C LEU B 249 -10.07 -18.09 3.65
N ARG B 250 -9.08 -17.80 4.48
CA ARG B 250 -7.96 -18.73 4.67
C ARG B 250 -8.48 -20.13 4.98
N GLN B 251 -9.35 -20.24 5.98
CA GLN B 251 -9.90 -21.55 6.33
C GLN B 251 -10.99 -21.97 5.37
N ALA B 252 -11.84 -21.04 4.94
CA ALA B 252 -12.94 -21.42 4.05
C ALA B 252 -12.40 -22.01 2.76
N ILE B 253 -11.43 -21.33 2.12
CA ILE B 253 -10.93 -21.83 0.84
C ILE B 253 -10.18 -23.13 1.02
N THR B 254 -9.33 -23.23 2.06
CA THR B 254 -8.63 -24.49 2.32
C THR B 254 -9.62 -25.64 2.47
N LYS B 255 -10.71 -25.42 3.22
CA LYS B 255 -11.65 -26.51 3.42
C LYS B 255 -12.37 -26.89 2.14
N GLU B 256 -12.61 -25.93 1.24
CA GLU B 256 -13.18 -26.29 -0.07
C GLU B 256 -12.26 -27.22 -0.83
N VAL B 257 -10.95 -26.96 -0.78
CA VAL B 257 -10.00 -27.86 -1.44
C VAL B 257 -10.04 -29.23 -0.77
N LEU B 258 -9.97 -29.25 0.57
CA LEU B 258 -9.99 -30.51 1.28
C LEU B 258 -11.24 -31.31 0.94
N LYS B 259 -12.38 -30.62 0.86
CA LYS B 259 -13.62 -31.29 0.51
C LYS B 259 -13.57 -31.84 -0.91
N GLN B 260 -13.12 -31.02 -1.86
CA GLN B 260 -13.00 -31.47 -3.24
C GLN B 260 -12.16 -32.73 -3.32
N GLU B 261 -11.10 -32.82 -2.52
CA GLU B 261 -10.23 -33.97 -2.56
C GLU B 261 -10.68 -35.08 -1.62
N LYS B 262 -11.87 -34.98 -1.04
CA LYS B 262 -12.46 -36.04 -0.24
C LYS B 262 -11.68 -36.32 1.04
N ILE B 263 -10.86 -35.37 1.46
CA ILE B 263 -10.09 -35.49 2.68
C ILE B 263 -10.99 -35.29 3.90
N ILE B 264 -11.89 -34.32 3.83
CA ILE B 264 -12.93 -34.14 4.85
C ILE B 264 -14.26 -34.15 4.13
N PRO B 265 -15.34 -34.50 4.85
CA PRO B 265 -16.64 -34.59 4.17
C PRO B 265 -17.31 -33.23 4.00
N TRP C 25 -2.90 28.77 30.72
CA TRP C 25 -3.77 28.06 29.78
C TRP C 25 -5.23 28.47 29.94
N GLN C 26 -6.00 28.29 28.88
CA GLN C 26 -7.45 28.42 28.98
C GLN C 26 -8.12 27.49 27.98
N GLU C 27 -9.31 27.05 28.35
CA GLU C 27 -10.05 26.06 27.61
C GLU C 27 -11.14 26.75 26.79
N ASN C 28 -11.20 26.43 25.50
CA ASN C 28 -12.21 26.99 24.59
C ASN C 28 -12.99 25.83 23.98
N LYS C 29 -14.14 25.52 24.57
CA LYS C 29 -14.84 24.32 24.16
C LYS C 29 -15.57 24.50 22.84
N SER C 30 -15.63 25.73 22.31
CA SER C 30 -16.33 25.92 21.04
C SER C 30 -15.63 25.17 19.91
N TRP C 31 -14.32 24.92 20.03
CA TRP C 31 -13.65 24.17 18.97
C TRP C 31 -14.15 22.75 18.87
N ASN C 32 -14.85 22.23 19.89
CA ASN C 32 -15.41 20.89 19.77
C ASN C 32 -16.38 20.80 18.59
N ALA C 33 -16.94 21.94 18.16
CA ALA C 33 -17.83 21.94 17.01
C ALA C 33 -17.14 21.40 15.76
N HIS C 34 -15.84 21.65 15.63
CA HIS C 34 -15.13 21.16 14.44
C HIS C 34 -14.89 19.67 14.54
N PHE C 35 -14.66 19.13 15.73
CA PHE C 35 -14.58 17.69 15.88
C PHE C 35 -15.94 17.04 15.64
N THR C 36 -16.98 17.54 16.30
CA THR C 36 -18.32 17.00 16.12
C THR C 36 -18.72 17.01 14.66
N GLU C 37 -18.42 18.10 13.95
CA GLU C 37 -18.73 18.22 12.54
C GLU C 37 -18.20 17.02 11.76
N HIS C 38 -17.00 16.57 12.07
CA HIS C 38 -16.38 15.46 11.36
C HIS C 38 -16.53 14.16 12.13
N LYS C 39 -17.44 14.13 13.09
CA LYS C 39 -17.76 12.92 13.84
C LYS C 39 -16.51 12.34 14.50
N SER C 40 -15.70 13.23 15.06
CA SER C 40 -14.38 12.87 15.53
C SER C 40 -14.23 13.30 16.97
N GLN C 41 -13.15 12.84 17.58
CA GLN C 41 -12.85 13.18 18.95
C GLN C 41 -11.36 13.43 19.08
N GLY C 42 -10.98 14.51 19.75
CA GLY C 42 -9.58 14.84 19.82
C GLY C 42 -9.35 16.17 20.52
N VAL C 43 -8.09 16.64 20.43
CA VAL C 43 -7.67 17.88 21.06
C VAL C 43 -6.81 18.68 20.07
N VAL C 44 -6.99 20.00 20.12
CA VAL C 44 -6.10 20.96 19.46
C VAL C 44 -5.56 21.84 20.58
N VAL C 45 -4.26 22.04 20.58
CA VAL C 45 -3.59 22.92 21.52
C VAL C 45 -2.88 23.98 20.70
N LEU C 46 -3.07 25.24 21.08
CA LEU C 46 -2.46 26.41 20.45
C LEU C 46 -1.66 27.18 21.49
N TRP C 47 -0.54 27.77 21.06
CA TRP C 47 0.29 28.61 21.92
C TRP C 47 0.66 29.90 21.18
N ASN C 48 0.20 31.03 21.72
CA ASN C 48 0.51 32.36 21.21
C ASN C 48 1.86 32.76 21.78
N GLU C 49 2.88 32.76 20.92
CA GLU C 49 4.23 33.00 21.39
C GLU C 49 4.39 34.42 21.94
N ASN C 50 3.87 35.43 21.22
CA ASN C 50 4.02 36.81 21.69
C ASN C 50 3.41 36.99 23.07
N LYS C 51 2.19 36.48 23.27
CA LYS C 51 1.49 36.64 24.54
C LYS C 51 1.79 35.54 25.55
N GLN C 52 2.57 34.52 25.19
CA GLN C 52 2.88 33.46 26.14
C GLN C 52 1.61 32.93 26.78
N GLN C 53 0.66 32.56 25.92
CA GLN C 53 -0.67 32.12 26.34
C GLN C 53 -1.06 30.90 25.53
N GLY C 54 -1.61 29.91 26.22
CA GLY C 54 -2.02 28.65 25.62
C GLY C 54 -3.54 28.50 25.64
N PHE C 55 -4.06 27.83 24.61
CA PHE C 55 -5.48 27.57 24.42
C PHE C 55 -5.69 26.15 23.93
N THR C 56 -6.78 25.52 24.37
CA THR C 56 -7.12 24.17 23.96
C THR C 56 -8.61 23.92 24.15
N ASN C 57 -9.14 22.98 23.38
CA ASN C 57 -10.53 22.59 23.60
C ASN C 57 -10.70 21.56 24.70
N ASN C 58 -9.62 21.06 25.31
CA ASN C 58 -9.73 19.94 26.25
C ASN C 58 -8.42 19.85 27.04
N LEU C 59 -8.41 20.46 28.21
CA LEU C 59 -7.20 20.55 29.01
C LEU C 59 -6.71 19.17 29.44
N LYS C 60 -7.63 18.26 29.75
CA LYS C 60 -7.26 16.91 30.12
C LYS C 60 -6.52 16.19 29.00
N ARG C 61 -7.14 16.11 27.82
CA ARG C 61 -6.50 15.39 26.72
C ARG C 61 -5.24 16.09 26.25
N ALA C 62 -5.23 17.42 26.30
CA ALA C 62 -4.03 18.17 25.97
C ALA C 62 -2.81 17.67 26.75
N ASN C 63 -3.02 17.17 27.97
CA ASN C 63 -1.95 16.69 28.83
C ASN C 63 -1.91 15.18 28.95
N GLN C 64 -2.61 14.46 28.10
CA GLN C 64 -2.46 13.01 28.09
C GLN C 64 -1.35 12.62 27.10
N ALA C 65 -0.49 11.68 27.50
CA ALA C 65 0.69 11.33 26.72
C ALA C 65 0.43 10.12 25.83
N PHE C 66 0.87 10.20 24.57
CA PHE C 66 0.71 9.13 23.62
C PHE C 66 2.04 8.85 22.93
N LEU C 67 2.10 7.70 22.27
CA LEU C 67 3.24 7.46 21.40
C LEU C 67 3.35 8.60 20.40
N PRO C 68 4.55 9.11 20.16
CA PRO C 68 4.70 10.18 19.15
C PRO C 68 4.57 9.71 17.70
N ALA C 69 4.80 8.42 17.44
CA ALA C 69 4.82 7.83 16.11
C ALA C 69 5.67 8.76 15.22
N SER C 70 5.22 9.09 14.02
CA SER C 70 6.10 9.79 13.08
C SER C 70 6.36 11.24 13.46
N THR C 71 5.70 11.82 14.46
CA THR C 71 6.16 13.13 14.92
C THR C 71 7.57 13.02 15.51
N PHE C 72 7.99 11.81 15.88
CA PHE C 72 9.36 11.59 16.37
C PHE C 72 10.40 11.85 15.28
N KCX C 73 9.96 11.95 14.02
CA KCX C 73 10.89 12.20 12.93
CB KCX C 73 10.25 12.09 11.53
CG KCX C 73 10.05 10.59 11.17
CD KCX C 73 9.43 10.36 9.80
CE KCX C 73 9.33 8.87 9.51
NZ KCX C 73 8.22 8.31 10.25
C KCX C 73 11.56 13.57 13.18
O KCX C 73 12.63 13.82 12.70
CX KCX C 73 8.46 7.46 11.39
OQ1 KCX C 73 9.64 7.17 11.71
OQ2 KCX C 73 7.46 7.03 12.03
N ILE C 74 10.93 14.47 13.96
CA ILE C 74 11.54 15.79 14.21
C ILE C 74 12.80 15.61 15.07
N PRO C 75 12.67 15.07 16.29
CA PRO C 75 13.90 14.88 17.08
C PRO C 75 14.85 13.90 16.42
N ASN C 76 14.33 12.87 15.75
CA ASN C 76 15.21 11.89 15.11
C ASN C 76 16.07 12.60 14.05
N SER C 77 15.46 13.46 13.22
CA SER C 77 16.22 14.19 12.21
C SER C 77 17.31 15.04 12.87
N LEU C 78 16.96 15.75 13.95
CA LEU C 78 17.91 16.63 14.62
C LEU C 78 19.12 15.86 15.09
N ILE C 79 18.88 14.75 15.77
CA ILE C 79 19.96 13.92 16.32
C ILE C 79 20.84 13.38 15.20
N ALA C 80 20.23 12.88 14.12
CA ALA C 80 21.01 12.29 13.05
C ALA C 80 21.89 13.34 12.38
N LEU C 81 21.35 14.54 12.19
CA LEU C 81 22.13 15.65 11.63
C LEU C 81 23.27 16.03 12.55
N ASP C 82 22.99 16.19 13.84
CA ASP C 82 23.99 16.68 14.77
C ASP C 82 25.14 15.70 14.92
N LEU C 83 24.84 14.41 14.85
CA LEU C 83 25.85 13.37 14.95
C LEU C 83 26.53 13.05 13.62
N GLY C 84 26.14 13.71 12.53
CA GLY C 84 26.72 13.41 11.23
C GLY C 84 26.22 12.14 10.61
N VAL C 85 25.24 11.48 11.21
CA VAL C 85 24.61 10.33 10.56
C VAL C 85 24.01 10.77 9.24
N VAL C 86 23.40 11.95 9.22
CA VAL C 86 22.94 12.62 8.01
C VAL C 86 23.90 13.79 7.79
N LYS C 87 24.58 13.79 6.65
CA LYS C 87 25.55 14.86 6.40
C LYS C 87 24.87 16.17 6.00
N ASP C 88 23.81 16.10 5.20
CA ASP C 88 23.04 17.27 4.83
C ASP C 88 21.72 16.78 4.26
N GLU C 89 20.88 17.71 3.83
CA GLU C 89 19.53 17.40 3.41
C GLU C 89 19.47 16.77 2.01
N HIS C 90 20.60 16.67 1.32
CA HIS C 90 20.71 16.06 0.01
C HIS C 90 21.21 14.62 0.05
N GLN C 91 21.81 14.19 1.16
CA GLN C 91 22.37 12.85 1.21
C GLN C 91 21.29 11.83 0.93
N VAL C 92 21.61 10.85 0.08
CA VAL C 92 20.63 9.89 -0.39
C VAL C 92 20.68 8.66 0.50
N PHE C 93 19.50 8.22 0.97
CA PHE C 93 19.38 6.99 1.75
C PHE C 93 18.60 5.99 0.89
N LYS C 94 19.29 4.90 0.52
CA LYS C 94 18.81 4.02 -0.52
C LYS C 94 17.66 3.18 0.00
N TRP C 95 16.69 2.94 -0.88
CA TRP C 95 15.64 1.97 -0.59
C TRP C 95 16.27 0.61 -0.39
N ASP C 96 15.79 -0.11 0.62
CA ASP C 96 16.27 -1.47 0.86
C ASP C 96 15.64 -2.50 -0.06
N GLY C 97 14.80 -2.10 -1.02
CA GLY C 97 14.26 -3.06 -1.96
C GLY C 97 13.08 -3.88 -1.47
N GLN C 98 12.59 -3.67 -0.25
CA GLN C 98 11.36 -4.30 0.20
C GLN C 98 10.17 -3.39 -0.15
N THR C 99 9.27 -3.87 -1.00
CA THR C 99 8.10 -3.06 -1.36
C THR C 99 7.10 -3.01 -0.20
N ARG C 100 6.79 -1.81 0.27
CA ARG C 100 5.89 -1.59 1.39
C ARG C 100 4.62 -0.89 0.92
N ASP C 101 3.63 -0.89 1.82
CA ASP C 101 2.28 -0.41 1.52
C ASP C 101 2.27 1.01 0.94
N ILE C 102 3.00 1.94 1.55
CA ILE C 102 3.00 3.33 1.13
C ILE C 102 3.99 3.46 -0.02
N ALA C 103 3.44 3.67 -1.24
CA ALA C 103 4.24 3.48 -2.44
C ALA C 103 5.44 4.43 -2.48
N THR C 104 5.25 5.67 -1.99
CA THR C 104 6.33 6.65 -2.00
C THR C 104 7.50 6.26 -1.12
N TRP C 105 7.35 5.27 -0.24
CA TRP C 105 8.49 4.76 0.52
C TRP C 105 9.45 3.92 -0.32
N ASN C 106 8.99 3.38 -1.46
CA ASN C 106 9.74 2.36 -2.19
C ASN C 106 10.71 2.94 -3.19
N ARG C 107 11.58 3.83 -2.73
CA ARG C 107 12.49 4.59 -3.57
C ARG C 107 13.58 5.20 -2.68
N ASP C 108 14.63 5.70 -3.33
CA ASP C 108 15.67 6.42 -2.61
C ASP C 108 15.11 7.74 -2.09
N HIS C 109 15.63 8.18 -0.94
CA HIS C 109 15.13 9.37 -0.28
C HIS C 109 16.27 10.20 0.26
N ASN C 110 16.01 11.49 0.43
CA ASN C 110 16.88 12.34 1.25
C ASN C 110 16.07 12.79 2.48
N LEU C 111 16.67 13.67 3.28
CA LEU C 111 15.99 14.09 4.52
C LEU C 111 14.67 14.79 4.22
N ILE C 112 14.63 15.62 3.17
CA ILE C 112 13.44 16.40 2.86
C ILE C 112 12.28 15.48 2.47
N THR C 113 12.54 14.54 1.57
CA THR C 113 11.47 13.67 1.08
C THR C 113 11.11 12.59 2.10
N ALA C 114 12.11 12.13 2.90
CA ALA C 114 11.82 11.17 3.96
C ALA C 114 10.87 11.77 4.99
N MET C 115 11.07 13.04 5.33
CA MET C 115 10.12 13.71 6.18
C MET C 115 8.77 13.85 5.50
N LYS C 116 8.77 14.34 4.24
CA LYS C 116 7.52 14.65 3.57
C LYS C 116 6.61 13.41 3.52
N TYR C 117 7.18 12.26 3.20
CA TYR C 117 6.41 11.04 3.01
C TYR C 117 6.43 10.12 4.23
N SER C 118 7.03 10.57 5.33
CA SER C 118 7.06 9.85 6.61
C SER C 118 7.64 8.44 6.43
N VAL C 119 8.87 8.39 5.88
CA VAL C 119 9.46 7.13 5.39
C VAL C 119 10.15 6.45 6.57
N VAL C 120 9.38 5.57 7.23
CA VAL C 120 9.85 4.88 8.43
C VAL C 120 11.19 4.21 8.20
N PRO C 121 11.38 3.42 7.13
CA PRO C 121 12.63 2.66 7.01
C PRO C 121 13.87 3.53 7.05
N VAL C 122 13.81 4.72 6.44
CA VAL C 122 14.95 5.63 6.46
C VAL C 122 15.26 6.03 7.89
N TYR C 123 14.23 6.36 8.65
CA TYR C 123 14.44 6.80 10.01
C TYR C 123 14.85 5.67 10.93
N GLN C 124 14.47 4.43 10.59
CA GLN C 124 14.96 3.30 11.37
C GLN C 124 16.45 3.13 11.19
N GLU C 125 16.96 3.35 9.96
CA GLU C 125 18.39 3.35 9.72
C GLU C 125 19.09 4.45 10.51
N PHE C 126 18.58 5.68 10.45
CA PHE C 126 19.13 6.74 11.32
C PHE C 126 19.24 6.24 12.76
N ALA C 127 18.15 5.68 13.29
CA ALA C 127 18.09 5.31 14.71
C ALA C 127 19.11 4.26 15.06
N ARG C 128 19.29 3.26 14.19
CA ARG C 128 20.31 2.23 14.39
C ARG C 128 21.72 2.82 14.42
N GLN C 129 22.03 3.73 13.49
CA GLN C 129 23.33 4.38 13.53
C GLN C 129 23.50 5.29 14.74
N ILE C 130 22.43 5.93 15.20
CA ILE C 130 22.53 6.76 16.38
C ILE C 130 22.85 5.89 17.59
N GLY C 131 22.13 4.79 17.73
CA GLY C 131 22.32 3.87 18.84
C GLY C 131 21.58 4.31 20.10
N GLU C 132 21.34 3.33 20.99
CA GLU C 132 20.56 3.56 22.22
C GLU C 132 21.13 4.68 23.06
N ALA C 133 22.43 4.60 23.38
CA ALA C 133 22.98 5.49 24.37
C ALA C 133 22.88 6.94 23.93
N ARG C 134 23.28 7.22 22.67
CA ARG C 134 23.21 8.59 22.19
C ARG C 134 21.76 9.04 22.03
N MET C 135 20.89 8.14 21.57
CA MET C 135 19.47 8.49 21.45
C MET C 135 18.90 8.89 22.80
N SER C 136 19.19 8.10 23.84
CA SER C 136 18.67 8.39 25.18
C SER C 136 19.21 9.72 25.70
N LYS C 137 20.52 9.92 25.57
CA LYS C 137 21.13 11.15 26.05
C LYS C 137 20.48 12.35 25.36
N MET C 138 20.28 12.25 24.05
CA MET C 138 19.71 13.37 23.30
C MET C 138 18.32 13.71 23.81
N LEU C 139 17.48 12.69 24.02
CA LEU C 139 16.10 12.98 24.44
C LEU C 139 16.03 13.55 25.85
N HIS C 140 16.88 13.07 26.76
N HIS C 140 16.88 13.09 26.77
CA HIS C 140 16.92 13.72 28.06
CA HIS C 140 16.91 13.76 28.06
C HIS C 140 17.32 15.18 27.92
C HIS C 140 17.31 15.22 27.90
N ALA C 141 18.34 15.47 27.09
CA ALA C 141 18.79 16.85 26.87
C ALA C 141 17.71 17.69 26.21
N PHE C 142 16.92 17.10 25.31
CA PHE C 142 15.78 17.77 24.68
C PHE C 142 14.57 17.96 25.62
N ASP C 143 14.56 17.32 26.80
CA ASP C 143 13.39 17.29 27.68
C ASP C 143 12.17 16.73 26.93
N TYR C 144 12.41 15.72 26.08
CA TYR C 144 11.40 15.26 25.13
C TYR C 144 10.47 14.25 25.80
N GLY C 145 9.22 14.66 26.03
CA GLY C 145 8.22 13.75 26.57
C GLY C 145 8.72 13.06 27.82
N ASN C 146 8.46 11.76 27.91
CA ASN C 146 8.92 11.00 29.08
C ASN C 146 10.35 10.50 28.95
N GLU C 147 11.06 10.86 27.87
CA GLU C 147 12.49 10.60 27.68
C GLU C 147 12.84 9.13 27.71
N ASP C 148 11.87 8.26 27.47
CA ASP C 148 12.02 6.81 27.66
C ASP C 148 12.08 6.14 26.30
N ILE C 149 13.21 5.52 25.98
CA ILE C 149 13.39 4.88 24.66
C ILE C 149 13.25 3.36 24.75
N SER C 150 12.70 2.85 25.86
CA SER C 150 12.50 1.43 26.05
C SER C 150 11.97 0.76 24.80
N GLY C 151 12.59 -0.38 24.45
CA GLY C 151 12.20 -1.18 23.30
C GLY C 151 13.30 -1.21 22.26
N ASN C 152 12.96 -1.47 21.00
CA ASN C 152 13.96 -1.47 19.94
C ASN C 152 14.37 -0.06 19.58
N VAL C 153 15.67 0.15 19.40
CA VAL C 153 16.14 1.50 19.13
C VAL C 153 15.56 2.02 17.82
N ASP C 154 15.13 1.14 16.92
CA ASP C 154 14.59 1.57 15.64
C ASP C 154 13.09 1.37 15.54
N SER C 155 12.38 1.17 16.68
CA SER C 155 10.93 1.16 16.63
C SER C 155 10.25 1.75 17.87
N PHE C 156 10.99 2.27 18.85
CA PHE C 156 10.37 2.61 20.13
C PHE C 156 9.32 3.71 20.00
N TRP C 157 9.45 4.61 19.01
CA TRP C 157 8.46 5.66 18.77
C TRP C 157 7.17 5.13 18.18
N LEU C 158 7.15 3.88 17.73
CA LEU C 158 5.95 3.20 17.22
C LEU C 158 5.39 2.17 18.19
N ASP C 159 6.25 1.57 19.02
CA ASP C 159 5.74 0.50 19.90
C ASP C 159 6.61 0.32 21.14
N GLY C 160 7.40 1.30 21.53
CA GLY C 160 8.22 1.26 22.73
C GLY C 160 7.64 2.11 23.84
N GLY C 161 8.52 2.58 24.72
CA GLY C 161 8.11 3.26 25.94
C GLY C 161 7.94 4.76 25.84
N ILE C 162 8.34 5.40 24.73
CA ILE C 162 8.32 6.85 24.65
C ILE C 162 6.87 7.34 24.56
N ARG C 163 6.55 8.39 25.33
CA ARG C 163 5.24 9.04 25.31
C ARG C 163 5.40 10.56 25.41
N ILE C 164 4.50 11.29 24.77
CA ILE C 164 4.55 12.75 24.78
C ILE C 164 3.12 13.26 24.65
N SER C 165 2.84 14.34 25.36
CA SER C 165 1.55 14.99 25.33
C SER C 165 1.57 16.12 24.33
N ALA C 166 0.39 16.60 23.99
CA ALA C 166 0.30 17.74 23.08
C ALA C 166 1.00 18.96 23.67
N THR C 167 0.85 19.23 24.98
CA THR C 167 1.52 20.39 25.56
C THR C 167 3.03 20.18 25.62
N GLU C 168 3.46 18.93 25.79
CA GLU C 168 4.87 18.62 25.75
C GLU C 168 5.45 18.77 24.33
N GLN C 169 4.67 18.41 23.29
CA GLN C 169 5.08 18.71 21.92
C GLN C 169 5.37 20.19 21.74
N ILE C 170 4.49 21.05 22.29
CA ILE C 170 4.67 22.48 22.13
C ILE C 170 5.94 22.96 22.81
N SER C 171 6.22 22.47 24.03
CA SER C 171 7.45 22.87 24.73
C SER C 171 8.67 22.56 23.91
N PHE C 172 8.69 21.38 23.31
CA PHE C 172 9.83 20.97 22.50
C PHE C 172 9.93 21.79 21.22
N LEU C 173 8.80 21.99 20.54
CA LEU C 173 8.82 22.75 19.30
C LEU C 173 9.28 24.18 19.54
N ARG C 174 8.89 24.78 20.68
CA ARG C 174 9.33 26.14 20.96
C ARG C 174 10.84 26.22 21.08
N LYS C 175 11.47 25.21 21.69
CA LYS C 175 12.93 25.23 21.77
C LYS C 175 13.53 25.17 20.37
N LEU C 176 12.99 24.28 19.54
CA LEU C 176 13.49 24.17 18.17
C LEU C 176 13.34 25.49 17.44
N TYR C 177 12.16 26.11 17.57
CA TYR C 177 11.94 27.36 16.84
C TYR C 177 13.01 28.40 17.19
N HIS C 178 13.40 28.46 18.46
CA HIS C 178 14.32 29.47 18.95
C HIS C 178 15.78 29.03 18.90
N ASN C 179 16.07 27.88 18.26
CA ASN C 179 17.43 27.34 18.20
C ASN C 179 17.99 27.13 19.62
N LYS C 180 17.13 26.76 20.54
CA LYS C 180 17.56 26.59 21.92
C LYS C 180 17.88 25.15 22.30
N LEU C 181 17.81 24.20 21.37
CA LEU C 181 18.29 22.87 21.71
C LEU C 181 19.82 22.86 21.69
N HIS C 182 20.43 21.89 22.39
CA HIS C 182 21.88 21.84 22.53
C HIS C 182 22.59 21.35 21.28
N VAL C 183 21.86 20.83 20.30
CA VAL C 183 22.50 20.44 19.04
C VAL C 183 22.84 21.70 18.26
N SER C 184 23.57 21.55 17.17
CA SER C 184 24.08 22.71 16.46
C SER C 184 22.95 23.57 15.89
N GLU C 185 23.22 24.88 15.75
CA GLU C 185 22.27 25.75 15.06
C GLU C 185 21.97 25.20 13.66
N ARG C 186 23.01 24.73 12.99
CA ARG C 186 22.87 24.18 11.64
C ARG C 186 21.84 23.05 11.60
N SER C 187 21.96 22.10 12.53
CA SER C 187 21.00 20.99 12.61
C SER C 187 19.59 21.50 12.80
N GLN C 188 19.41 22.50 13.67
CA GLN C 188 18.07 22.98 13.93
C GLN C 188 17.48 23.67 12.71
N ARG C 189 18.28 24.47 12.00
CA ARG C 189 17.82 25.12 10.79
C ARG C 189 17.46 24.10 9.72
N ILE C 190 18.29 23.09 9.51
CA ILE C 190 17.98 22.10 8.48
C ILE C 190 16.68 21.37 8.82
N VAL C 191 16.47 20.99 10.09
CA VAL C 191 15.24 20.28 10.39
C VAL C 191 14.04 21.18 10.17
N LYS C 192 14.18 22.49 10.47
CA LYS C 192 13.04 23.38 10.26
C LYS C 192 12.74 23.56 8.77
N GLN C 193 13.78 23.57 7.93
CA GLN C 193 13.59 23.51 6.49
C GLN C 193 12.83 22.25 6.09
N ALA C 194 13.25 21.10 6.64
CA ALA C 194 12.63 19.82 6.32
C ALA C 194 11.18 19.72 6.80
N MET C 195 10.80 20.51 7.82
CA MET C 195 9.42 20.53 8.31
C MET C 195 8.48 21.38 7.46
N LEU C 196 9.01 22.13 6.49
CA LEU C 196 8.17 23.01 5.72
C LEU C 196 7.04 22.21 5.09
N THR C 197 5.82 22.64 5.37
CA THR C 197 4.62 21.98 4.88
C THR C 197 3.81 22.85 3.91
N GLU C 198 3.66 24.14 4.20
CA GLU C 198 2.82 25.03 3.43
C GLU C 198 3.36 26.45 3.58
N ALA C 199 3.24 27.25 2.53
CA ALA C 199 3.59 28.66 2.63
C ALA C 199 2.88 29.44 1.55
N ASN C 200 2.49 30.66 1.89
CA ASN C 200 1.90 31.59 0.94
C ASN C 200 2.19 32.99 1.47
N GLY C 201 1.54 33.98 0.87
CA GLY C 201 1.77 35.34 1.32
C GLY C 201 1.15 35.69 2.66
N ASP C 202 0.40 34.77 3.28
CA ASP C 202 -0.23 35.04 4.57
C ASP C 202 0.43 34.32 5.73
N TYR C 203 0.96 33.11 5.53
CA TYR C 203 1.54 32.35 6.62
C TYR C 203 2.51 31.30 6.07
N ILE C 204 3.28 30.73 6.99
CA ILE C 204 4.14 29.57 6.76
C ILE C 204 3.79 28.55 7.82
N ILE C 205 3.62 27.28 7.43
CA ILE C 205 3.41 26.19 8.37
C ILE C 205 4.59 25.23 8.29
N ARG C 206 5.24 25.02 9.43
CA ARG C 206 6.25 23.97 9.60
C ARG C 206 5.68 22.95 10.58
N ALA C 207 5.64 21.69 10.16
CA ALA C 207 4.85 20.71 10.92
C ALA C 207 5.24 19.30 10.53
N LYS C 208 4.76 18.35 11.33
CA LYS C 208 4.93 16.94 11.01
C LYS C 208 3.71 16.17 11.48
N THR C 209 3.20 15.31 10.59
CA THR C 209 2.11 14.39 10.88
C THR C 209 2.61 13.13 11.58
N GLY C 210 1.69 12.47 12.28
CA GLY C 210 1.96 11.16 12.83
C GLY C 210 0.69 10.33 12.86
N TYR C 211 0.88 9.03 12.96
CA TYR C 211 -0.20 8.05 12.99
C TYR C 211 0.25 6.87 13.82
N SER C 212 -0.45 6.60 14.94
CA SER C 212 -0.06 5.58 15.91
C SER C 212 -1.18 4.54 16.04
N THR C 213 -0.88 3.28 15.72
CA THR C 213 -1.88 2.20 15.85
C THR C 213 -1.48 0.99 16.68
N ARG C 214 -0.23 0.87 17.11
CA ARG C 214 0.22 -0.38 17.67
C ARG C 214 -0.22 -0.58 19.12
N ILE C 215 -0.65 0.49 19.80
CA ILE C 215 -1.31 0.39 21.09
C ILE C 215 -2.45 1.39 21.07
N GLU C 216 -3.45 1.14 21.92
CA GLU C 216 -4.62 1.98 21.99
C GLU C 216 -4.33 3.23 22.80
N PRO C 217 -5.02 4.33 22.50
CA PRO C 217 -5.98 4.50 21.39
C PRO C 217 -5.23 4.77 20.09
N LYS C 218 -5.77 4.30 18.95
CA LYS C 218 -5.18 4.64 17.67
C LYS C 218 -5.46 6.12 17.45
N ILE C 219 -4.41 6.89 17.12
CA ILE C 219 -4.53 8.34 17.02
C ILE C 219 -3.77 8.84 15.80
N GLY C 220 -4.17 10.02 15.36
CA GLY C 220 -3.40 10.81 14.42
C GLY C 220 -2.91 12.05 15.16
N TRP C 221 -1.72 12.53 14.76
CA TRP C 221 -1.07 13.73 15.27
C TRP C 221 -0.86 14.73 14.14
N TRP C 222 -0.90 16.02 14.48
CA TRP C 222 -0.26 17.03 13.65
C TRP C 222 0.35 18.05 14.60
N VAL C 223 1.65 18.25 14.51
CA VAL C 223 2.32 19.20 15.39
C VAL C 223 3.22 20.12 14.58
N GLY C 224 3.33 21.36 15.03
CA GLY C 224 4.20 22.30 14.37
C GLY C 224 3.92 23.74 14.75
N TRP C 225 4.02 24.64 13.80
CA TRP C 225 3.68 26.02 14.10
C TRP C 225 3.32 26.76 12.82
N VAL C 226 2.68 27.90 13.01
CA VAL C 226 2.30 28.83 11.95
C VAL C 226 3.08 30.12 12.17
N GLU C 227 3.85 30.53 11.17
CA GLU C 227 4.64 31.74 11.24
C GLU C 227 3.87 32.85 10.53
N LEU C 228 3.67 33.96 11.24
CA LEU C 228 3.07 35.15 10.71
C LEU C 228 4.13 36.25 10.65
N ASP C 229 3.78 37.37 10.04
CA ASP C 229 4.72 38.51 9.98
C ASP C 229 5.24 38.88 11.36
N ASP C 230 4.38 38.92 12.38
CA ASP C 230 4.75 39.47 13.68
C ASP C 230 4.41 38.56 14.85
N ASN C 231 4.22 37.28 14.62
CA ASN C 231 3.95 36.36 15.72
C ASN C 231 4.13 34.95 15.18
N VAL C 232 4.23 33.99 16.10
CA VAL C 232 4.20 32.57 15.76
C VAL C 232 3.20 31.88 16.67
N TRP C 233 2.38 31.04 16.07
CA TRP C 233 1.39 30.24 16.80
C TRP C 233 1.84 28.78 16.73
N PHE C 234 2.24 28.23 17.87
CA PHE C 234 2.58 26.80 17.94
C PHE C 234 1.30 26.00 18.07
N PHE C 235 1.29 24.77 17.52
CA PHE C 235 0.13 23.92 17.64
C PHE C 235 0.52 22.45 17.81
N ALA C 236 -0.34 21.74 18.51
CA ALA C 236 -0.25 20.29 18.56
C ALA C 236 -1.66 19.76 18.73
N MET C 237 -2.01 18.79 17.89
CA MET C 237 -3.30 18.16 17.91
C MET C 237 -3.12 16.67 17.79
N ASN C 238 -3.98 15.93 18.48
CA ASN C 238 -4.16 14.52 18.18
C ASN C 238 -5.65 14.20 18.24
N MET C 239 -6.02 13.12 17.55
CA MET C 239 -7.43 12.75 17.40
C MET C 239 -7.52 11.24 17.28
N ASP C 240 -8.65 10.70 17.71
CA ASP C 240 -8.86 9.28 17.56
C ASP C 240 -8.92 8.96 16.09
N MET C 241 -8.33 7.83 15.72
CA MET C 241 -8.18 7.47 14.31
C MET C 241 -8.49 5.99 14.17
N PRO C 242 -9.77 5.62 14.26
CA PRO C 242 -10.14 4.19 14.20
C PRO C 242 -9.76 3.53 12.90
N THR C 243 -9.78 4.25 11.79
CA THR C 243 -9.29 3.76 10.51
C THR C 243 -8.42 4.83 9.87
N SER C 244 -7.64 4.42 8.86
CA SER C 244 -6.81 5.39 8.16
C SER C 244 -7.62 6.36 7.30
N ASP C 245 -8.93 6.14 7.13
CA ASP C 245 -9.72 7.00 6.25
C ASP C 245 -9.84 8.43 6.76
N GLY C 246 -9.67 8.66 8.06
CA GLY C 246 -9.81 9.97 8.66
C GLY C 246 -8.54 10.79 8.72
N LEU C 247 -7.45 10.35 8.09
CA LEU C 247 -6.17 10.99 8.34
C LEU C 247 -6.13 12.44 7.89
N GLY C 248 -6.84 12.77 6.80
CA GLY C 248 -6.88 14.15 6.33
C GLY C 248 -7.54 15.12 7.30
N LEU C 249 -8.33 14.60 8.25
CA LEU C 249 -8.94 15.43 9.29
C LEU C 249 -7.92 16.06 10.22
N ARG C 250 -6.71 15.48 10.32
CA ARG C 250 -5.72 16.08 11.20
C ARG C 250 -5.51 17.55 10.81
N GLN C 251 -5.25 17.78 9.54
CA GLN C 251 -5.03 19.13 9.02
C GLN C 251 -6.31 19.90 8.90
N ALA C 252 -7.39 19.25 8.44
CA ALA C 252 -8.63 19.99 8.22
C ALA C 252 -9.14 20.59 9.52
N ILE C 253 -9.20 19.77 10.59
CA ILE C 253 -9.72 20.28 11.87
C ILE C 253 -8.78 21.34 12.44
N THR C 254 -7.47 21.13 12.34
CA THR C 254 -6.55 22.14 12.84
C THR C 254 -6.76 23.46 12.12
N LYS C 255 -6.89 23.43 10.79
CA LYS C 255 -7.11 24.66 10.04
C LYS C 255 -8.45 25.31 10.37
N GLU C 256 -9.48 24.50 10.67
CA GLU C 256 -10.76 25.09 11.12
C GLU C 256 -10.57 25.92 12.38
N VAL C 257 -9.75 25.44 13.33
CA VAL C 257 -9.51 26.19 14.56
C VAL C 257 -8.70 27.44 14.27
N LEU C 258 -7.62 27.30 13.48
CA LEU C 258 -6.81 28.44 13.12
C LEU C 258 -7.65 29.51 12.43
N LYS C 259 -8.56 29.08 11.53
CA LYS C 259 -9.41 30.06 10.85
C LYS C 259 -10.42 30.67 11.80
N GLN C 260 -11.02 29.86 12.69
CA GLN C 260 -11.92 30.41 13.70
C GLN C 260 -11.23 31.50 14.52
N GLU C 261 -9.98 31.27 14.91
CA GLU C 261 -9.26 32.23 15.73
C GLU C 261 -8.60 33.33 14.91
N LYS C 262 -8.85 33.39 13.61
CA LYS C 262 -8.34 34.45 12.73
C LYS C 262 -6.82 34.41 12.61
N ILE C 263 -6.21 33.26 12.84
CA ILE C 263 -4.76 33.16 12.69
C ILE C 263 -4.38 33.06 11.23
N ILE C 264 -5.17 32.32 10.45
CA ILE C 264 -5.00 32.30 9.01
C ILE C 264 -6.33 32.71 8.39
N PRO C 265 -6.35 33.27 7.17
CA PRO C 265 -7.65 33.63 6.61
C PRO C 265 -8.44 32.40 6.20
N TRP D 25 -19.52 37.84 -17.45
CA TRP D 25 -18.66 36.84 -16.82
C TRP D 25 -17.23 37.33 -16.60
N GLN D 26 -16.74 37.21 -15.36
CA GLN D 26 -15.42 37.70 -15.00
C GLN D 26 -14.59 36.52 -14.52
N GLU D 27 -13.34 36.46 -14.94
CA GLU D 27 -12.43 35.38 -14.58
C GLU D 27 -11.48 35.87 -13.50
N ASN D 28 -11.47 35.21 -12.35
CA ASN D 28 -10.62 35.57 -11.22
C ASN D 28 -9.72 34.36 -10.94
N LYS D 29 -8.51 34.36 -11.48
CA LYS D 29 -7.66 33.19 -11.29
C LYS D 29 -7.07 33.10 -9.90
N SER D 30 -7.22 34.14 -9.06
CA SER D 30 -6.66 34.05 -7.72
C SER D 30 -7.32 32.94 -6.91
N TRP D 31 -8.54 32.52 -7.27
CA TRP D 31 -9.14 31.36 -6.61
C TRP D 31 -8.34 30.07 -6.84
N ASN D 32 -7.44 30.03 -7.83
CA ASN D 32 -6.64 28.82 -8.00
C ASN D 32 -5.76 28.54 -6.79
N ALA D 33 -5.43 29.56 -5.99
CA ALA D 33 -4.66 29.33 -4.77
C ALA D 33 -5.34 28.31 -3.86
N HIS D 34 -6.68 28.31 -3.83
CA HIS D 34 -7.40 27.38 -2.96
C HIS D 34 -7.33 25.96 -3.49
N PHE D 35 -7.38 25.82 -4.83
CA PHE D 35 -7.14 24.51 -5.41
C PHE D 35 -5.71 24.04 -5.15
N THR D 36 -4.75 24.92 -5.37
CA THR D 36 -3.33 24.59 -5.17
C THR D 36 -3.05 24.17 -3.74
N GLU D 37 -3.69 24.83 -2.77
CA GLU D 37 -3.49 24.48 -1.36
C GLU D 37 -3.73 23.00 -1.14
N HIS D 38 -4.72 22.45 -1.84
CA HIS D 38 -5.13 21.07 -1.67
C HIS D 38 -4.67 20.19 -2.82
N LYS D 39 -3.69 20.63 -3.60
CA LYS D 39 -3.12 19.78 -4.63
C LYS D 39 -4.22 19.29 -5.57
N SER D 40 -5.06 20.21 -5.99
CA SER D 40 -6.33 19.90 -6.66
C SER D 40 -6.48 20.76 -7.90
N GLN D 41 -7.36 20.33 -8.80
CA GLN D 41 -7.69 21.03 -10.04
C GLN D 41 -9.21 21.10 -10.20
N GLY D 42 -9.74 22.26 -10.57
CA GLY D 42 -11.17 22.35 -10.81
C GLY D 42 -11.62 23.78 -11.07
N VAL D 43 -12.94 23.93 -11.06
CA VAL D 43 -13.59 25.20 -11.35
C VAL D 43 -14.67 25.45 -10.31
N VAL D 44 -14.73 26.68 -9.82
CA VAL D 44 -15.85 27.20 -9.04
C VAL D 44 -16.50 28.28 -9.89
N VAL D 45 -17.82 28.20 -10.01
CA VAL D 45 -18.63 29.17 -10.74
C VAL D 45 -19.60 29.81 -9.76
N LEU D 46 -19.57 31.14 -9.68
CA LEU D 46 -20.49 31.93 -8.85
C LEU D 46 -21.35 32.83 -9.73
N TRP D 47 -22.60 33.01 -9.30
CA TRP D 47 -23.52 33.91 -9.98
C TRP D 47 -24.21 34.80 -8.96
N ASN D 48 -23.99 36.11 -9.09
CA ASN D 48 -24.62 37.13 -8.24
C ASN D 48 -25.99 37.45 -8.84
N GLU D 49 -27.05 37.01 -8.16
CA GLU D 49 -28.39 37.14 -8.73
C GLU D 49 -28.82 38.60 -8.83
N ASN D 50 -28.51 39.40 -7.82
CA ASN D 50 -28.91 40.80 -7.85
C ASN D 50 -28.27 41.51 -9.04
N LYS D 51 -26.96 41.33 -9.21
CA LYS D 51 -26.19 42.05 -10.22
C LYS D 51 -26.17 41.36 -11.56
N GLN D 52 -26.74 40.15 -11.66
CA GLN D 52 -26.66 39.33 -12.85
C GLN D 52 -25.24 39.29 -13.41
N GLN D 53 -24.28 38.96 -12.54
CA GLN D 53 -22.88 38.85 -12.92
C GLN D 53 -22.35 37.49 -12.49
N GLY D 54 -21.59 36.87 -13.37
CA GLY D 54 -20.94 35.60 -13.10
C GLY D 54 -19.44 35.77 -12.88
N PHE D 55 -18.89 34.88 -12.06
CA PHE D 55 -17.48 34.91 -11.72
C PHE D 55 -16.97 33.48 -11.68
N THR D 56 -15.76 33.26 -12.20
CA THR D 56 -15.17 31.93 -12.15
C THR D 56 -13.65 32.04 -12.23
N ASN D 57 -12.95 31.03 -11.69
CA ASN D 57 -11.51 30.94 -11.89
C ASN D 57 -11.13 30.35 -13.25
N ASN D 58 -12.05 29.68 -13.94
CA ASN D 58 -11.68 29.00 -15.19
C ASN D 58 -12.87 29.02 -16.15
N LEU D 59 -12.89 30.04 -17.02
CA LEU D 59 -14.03 30.28 -17.91
C LEU D 59 -14.33 29.08 -18.79
N LYS D 60 -13.29 28.43 -19.30
CA LYS D 60 -13.56 27.30 -20.19
C LYS D 60 -14.06 26.10 -19.42
N ARG D 61 -13.44 25.80 -18.27
CA ARG D 61 -13.95 24.66 -17.52
C ARG D 61 -15.33 24.95 -16.96
N ALA D 62 -15.63 26.22 -16.68
CA ALA D 62 -16.98 26.55 -16.24
C ALA D 62 -18.01 26.07 -17.24
N ASN D 63 -17.65 26.02 -18.53
CA ASN D 63 -18.58 25.65 -19.58
C ASN D 63 -18.36 24.22 -20.08
N GLN D 64 -17.48 23.46 -19.44
CA GLN D 64 -17.26 22.08 -19.84
C GLN D 64 -18.33 21.19 -19.22
N ALA D 65 -18.98 20.38 -20.06
CA ALA D 65 -20.12 19.58 -19.63
C ALA D 65 -19.67 18.20 -19.17
N PHE D 66 -20.14 17.75 -18.01
CA PHE D 66 -19.81 16.44 -17.47
C PHE D 66 -21.09 15.69 -17.12
N LEU D 67 -20.94 14.41 -16.82
CA LEU D 67 -22.06 13.68 -16.25
C LEU D 67 -22.47 14.36 -14.95
N PRO D 68 -23.78 14.54 -14.70
CA PRO D 68 -24.20 15.21 -13.43
C PRO D 68 -24.05 14.35 -12.19
N ALA D 69 -24.01 13.03 -12.37
CA ALA D 69 -24.00 12.08 -11.27
C ALA D 69 -25.10 12.49 -10.28
N SER D 70 -24.81 12.44 -8.99
CA SER D 70 -25.91 12.57 -8.03
C SER D 70 -26.47 13.99 -7.95
N THR D 71 -25.84 14.99 -8.60
CA THR D 71 -26.50 16.30 -8.71
C THR D 71 -27.80 16.15 -9.48
N PHE D 72 -27.96 15.02 -10.19
CA PHE D 72 -29.18 14.75 -10.92
C PHE D 72 -30.34 14.44 -9.99
N KCX D 73 -30.04 14.21 -8.70
CA KCX D 73 -31.13 13.96 -7.76
CB KCX D 73 -30.61 13.50 -6.40
CG KCX D 73 -30.10 12.05 -6.54
CD KCX D 73 -29.67 11.42 -5.21
CE KCX D 73 -29.22 9.97 -5.40
NZ KCX D 73 -27.92 9.97 -6.05
C KCX D 73 -32.05 15.20 -7.62
O KCX D 73 -33.16 15.05 -7.25
CX KCX D 73 -27.81 9.51 -7.41
OQ1 KCX D 73 -26.70 9.52 -7.98
OQ2 KCX D 73 -28.85 9.09 -8.01
N ILE D 74 -31.56 16.42 -7.96
CA ILE D 74 -32.42 17.62 -7.88
C ILE D 74 -33.56 17.48 -8.93
N PRO D 75 -33.25 17.42 -10.23
CA PRO D 75 -34.35 17.23 -11.21
C PRO D 75 -35.12 15.93 -11.03
N ASN D 76 -34.44 14.84 -10.68
CA ASN D 76 -35.15 13.57 -10.48
C ASN D 76 -36.20 13.72 -9.38
N SER D 77 -35.81 14.32 -8.25
CA SER D 77 -36.78 14.58 -7.17
C SER D 77 -37.95 15.39 -7.68
N LEU D 78 -37.68 16.44 -8.46
CA LEU D 78 -38.74 17.32 -8.91
C LEU D 78 -39.75 16.56 -9.76
N ILE D 79 -39.23 15.77 -10.70
CA ILE D 79 -40.09 15.00 -11.59
C ILE D 79 -40.89 13.98 -10.79
N ALA D 80 -40.22 13.27 -9.87
CA ALA D 80 -40.92 12.26 -9.08
C ALA D 80 -42.03 12.89 -8.26
N LEU D 81 -41.78 14.07 -7.67
CA LEU D 81 -42.82 14.74 -6.89
C LEU D 81 -43.97 15.17 -7.78
N ASP D 82 -43.66 15.80 -8.92
CA ASP D 82 -44.72 16.37 -9.75
C ASP D 82 -45.64 15.29 -10.29
N LEU D 83 -45.10 14.11 -10.58
CA LEU D 83 -45.87 13.00 -11.12
C LEU D 83 -46.47 12.08 -10.06
N GLY D 84 -46.26 12.35 -8.77
CA GLY D 84 -46.87 11.50 -7.76
C GLY D 84 -46.08 10.27 -7.42
N VAL D 85 -44.95 10.02 -8.09
CA VAL D 85 -44.11 8.90 -7.68
C VAL D 85 -43.70 9.06 -6.21
N VAL D 86 -43.43 10.29 -5.80
CA VAL D 86 -43.20 10.62 -4.39
C VAL D 86 -44.36 11.51 -3.93
N LYS D 87 -45.09 11.05 -2.91
CA LYS D 87 -46.27 11.77 -2.43
C LYS D 87 -45.89 13.01 -1.62
N ASP D 88 -44.92 12.86 -0.71
CA ASP D 88 -44.43 13.98 0.07
C ASP D 88 -43.08 13.59 0.63
N GLU D 89 -42.47 14.51 1.38
CA GLU D 89 -41.15 14.32 1.93
C GLU D 89 -41.14 13.36 3.11
N HIS D 90 -42.30 12.84 3.49
CA HIS D 90 -42.39 11.88 4.59
C HIS D 90 -42.53 10.44 4.13
N GLN D 91 -43.09 10.23 2.94
CA GLN D 91 -43.22 8.89 2.37
C GLN D 91 -41.94 8.11 2.54
N VAL D 92 -42.09 6.87 2.99
CA VAL D 92 -40.94 6.03 3.33
C VAL D 92 -40.68 5.10 2.18
N PHE D 93 -39.42 5.03 1.75
CA PHE D 93 -39.03 4.09 0.68
C PHE D 93 -38.19 3.01 1.35
N LYS D 94 -38.81 1.85 1.52
CA LYS D 94 -38.20 0.77 2.29
C LYS D 94 -36.94 0.23 1.61
N TRP D 95 -35.94 -0.06 2.42
CA TRP D 95 -34.72 -0.70 1.93
C TRP D 95 -35.07 -2.05 1.28
N ASP D 96 -34.41 -2.36 0.17
CA ASP D 96 -34.71 -3.59 -0.54
C ASP D 96 -33.94 -4.78 0.01
N GLY D 97 -33.24 -4.61 1.14
CA GLY D 97 -32.52 -5.70 1.77
C GLY D 97 -31.16 -5.99 1.19
N GLN D 98 -30.78 -5.34 0.09
CA GLN D 98 -29.50 -5.59 -0.54
C GLN D 98 -28.44 -4.72 0.11
N THR D 99 -27.48 -5.36 0.78
CA THR D 99 -26.41 -4.63 1.44
C THR D 99 -25.46 -4.05 0.40
N ARG D 100 -25.22 -2.74 0.47
CA ARG D 100 -24.38 -2.06 -0.48
C ARG D 100 -23.21 -1.41 0.25
N ASP D 101 -22.25 -0.93 -0.54
CA ASP D 101 -20.98 -0.44 -0.01
C ASP D 101 -21.17 0.73 0.96
N ILE D 102 -22.12 1.63 0.69
CA ILE D 102 -22.33 2.81 1.53
C ILE D 102 -23.38 2.45 2.59
N ALA D 103 -22.93 2.39 3.85
CA ALA D 103 -23.76 1.85 4.92
C ALA D 103 -25.06 2.62 5.08
N THR D 104 -25.04 3.96 4.92
CA THR D 104 -26.25 4.75 5.06
C THR D 104 -27.33 4.40 4.04
N TRP D 105 -27.01 3.66 2.98
CA TRP D 105 -28.04 3.27 2.01
C TRP D 105 -28.84 2.07 2.46
N ASN D 106 -28.36 1.33 3.45
CA ASN D 106 -28.97 0.06 3.82
C ASN D 106 -30.02 0.24 4.92
N ARG D 107 -30.94 1.17 4.70
CA ARG D 107 -32.01 1.47 5.65
C ARG D 107 -33.15 2.08 4.87
N ASP D 108 -34.29 2.24 5.54
CA ASP D 108 -35.39 2.96 4.94
C ASP D 108 -35.04 4.44 4.86
N HIS D 109 -35.67 5.14 3.92
CA HIS D 109 -35.36 6.54 3.64
C HIS D 109 -36.63 7.26 3.24
N ASN D 110 -36.63 8.56 3.44
CA ASN D 110 -37.62 9.42 2.81
C ASN D 110 -36.86 10.37 1.89
N LEU D 111 -37.59 11.29 1.27
CA LEU D 111 -36.94 12.17 0.29
C LEU D 111 -35.81 12.97 0.94
N ILE D 112 -36.02 13.43 2.17
CA ILE D 112 -35.02 14.27 2.85
C ILE D 112 -33.72 13.48 3.05
N THR D 113 -33.82 12.26 3.60
CA THR D 113 -32.61 11.50 3.91
C THR D 113 -32.03 10.84 2.68
N ALA D 114 -32.86 10.54 1.68
CA ALA D 114 -32.34 10.01 0.41
C ALA D 114 -31.45 11.05 -0.29
N MET D 115 -31.84 12.32 -0.26
CA MET D 115 -30.95 13.38 -0.75
C MET D 115 -29.72 13.53 0.12
N LYS D 116 -29.92 13.59 1.44
CA LYS D 116 -28.81 13.81 2.37
C LYS D 116 -27.71 12.77 2.17
N TYR D 117 -28.09 11.52 1.97
CA TYR D 117 -27.13 10.44 1.88
C TYR D 117 -26.90 10.01 0.45
N SER D 118 -27.46 10.74 -0.52
CA SER D 118 -27.27 10.47 -1.93
C SER D 118 -27.55 9.00 -2.25
N VAL D 119 -28.79 8.58 -1.97
CA VAL D 119 -29.15 7.15 -1.94
C VAL D 119 -29.58 6.73 -3.35
N VAL D 120 -28.59 6.31 -4.14
CA VAL D 120 -28.83 5.92 -5.53
C VAL D 120 -29.99 4.96 -5.69
N PRO D 121 -30.06 3.84 -4.98
CA PRO D 121 -31.10 2.85 -5.29
C PRO D 121 -32.51 3.39 -5.16
N VAL D 122 -32.73 4.34 -4.25
CA VAL D 122 -34.04 4.98 -4.12
C VAL D 122 -34.37 5.78 -5.38
N TYR D 123 -33.42 6.60 -5.82
CA TYR D 123 -33.63 7.37 -7.04
C TYR D 123 -33.67 6.48 -8.29
N GLN D 124 -32.97 5.34 -8.29
CA GLN D 124 -33.09 4.45 -9.43
C GLN D 124 -34.51 3.93 -9.54
N GLU D 125 -35.15 3.62 -8.40
CA GLU D 125 -36.54 3.19 -8.43
C GLU D 125 -37.48 4.29 -8.91
N PHE D 126 -37.25 5.56 -8.47
CA PHE D 126 -38.03 6.69 -9.00
C PHE D 126 -37.93 6.74 -10.52
N ALA D 127 -36.71 6.67 -11.04
CA ALA D 127 -36.50 6.81 -12.47
C ALA D 127 -37.27 5.75 -13.26
N ARG D 128 -37.23 4.50 -12.78
CA ARG D 128 -38.00 3.44 -13.43
C ARG D 128 -39.49 3.78 -13.46
N GLN D 129 -40.03 4.29 -12.34
CA GLN D 129 -41.45 4.65 -12.28
C GLN D 129 -41.77 5.87 -13.15
N ILE D 130 -40.85 6.82 -13.23
CA ILE D 130 -41.05 7.95 -14.12
C ILE D 130 -41.10 7.47 -15.57
N GLY D 131 -40.10 6.70 -15.97
CA GLY D 131 -40.05 6.13 -17.34
C GLY D 131 -39.35 7.02 -18.33
N GLU D 132 -38.76 6.39 -19.37
CA GLU D 132 -37.94 7.13 -20.32
C GLU D 132 -38.71 8.29 -20.95
N ALA D 133 -39.97 8.07 -21.36
CA ALA D 133 -40.72 9.09 -22.10
C ALA D 133 -40.89 10.36 -21.27
N ARG D 134 -41.44 10.22 -20.06
CA ARG D 134 -41.67 11.38 -19.20
C ARG D 134 -40.35 12.01 -18.76
N MET D 135 -39.37 11.19 -18.38
CA MET D 135 -38.04 11.71 -18.03
C MET D 135 -37.51 12.60 -19.14
N SER D 136 -37.53 12.12 -20.38
CA SER D 136 -37.03 12.91 -21.50
C SER D 136 -37.82 14.20 -21.67
N LYS D 137 -39.15 14.11 -21.63
CA LYS D 137 -39.97 15.30 -21.82
C LYS D 137 -39.71 16.35 -20.75
N MET D 138 -39.59 15.92 -19.49
CA MET D 138 -39.34 16.86 -18.39
C MET D 138 -37.97 17.53 -18.56
N LEU D 139 -36.94 16.76 -18.87
CA LEU D 139 -35.62 17.37 -18.99
C LEU D 139 -35.60 18.39 -20.12
N HIS D 140 -36.32 18.12 -21.21
CA HIS D 140 -36.46 19.13 -22.26
C HIS D 140 -37.18 20.35 -21.71
N ALA D 141 -38.26 20.16 -20.97
CA ALA D 141 -38.98 21.29 -20.40
C ALA D 141 -38.09 22.09 -19.44
N PHE D 142 -37.17 21.41 -18.73
CA PHE D 142 -36.24 22.09 -17.83
C PHE D 142 -35.06 22.72 -18.56
N ASP D 143 -34.89 22.48 -19.86
CA ASP D 143 -33.71 22.97 -20.57
C ASP D 143 -32.43 22.48 -19.88
N TYR D 144 -32.44 21.23 -19.44
CA TYR D 144 -31.40 20.69 -18.55
C TYR D 144 -30.23 20.12 -19.34
N GLY D 145 -29.07 20.80 -19.26
CA GLY D 145 -27.87 20.28 -19.90
C GLY D 145 -28.09 19.99 -21.37
N ASN D 146 -27.52 18.86 -21.85
CA ASN D 146 -27.72 18.47 -23.24
C ASN D 146 -29.03 17.69 -23.45
N GLU D 147 -29.86 17.56 -22.42
CA GLU D 147 -31.21 16.99 -22.50
C GLU D 147 -31.22 15.53 -23.02
N ASP D 148 -30.08 14.81 -22.90
CA ASP D 148 -29.89 13.49 -23.53
C ASP D 148 -29.90 12.42 -22.43
N ILE D 149 -30.97 11.62 -22.39
CA ILE D 149 -31.08 10.54 -21.40
C ILE D 149 -30.61 9.18 -21.93
N SER D 150 -29.99 9.13 -23.11
CA SER D 150 -29.56 7.85 -23.66
C SER D 150 -28.82 7.04 -22.61
N GLY D 151 -29.18 5.77 -22.52
CA GLY D 151 -28.62 4.83 -21.57
C GLY D 151 -29.74 4.18 -20.80
N ASN D 152 -29.39 3.52 -19.70
CA ASN D 152 -30.42 2.95 -18.83
C ASN D 152 -31.25 4.06 -18.20
N VAL D 153 -32.60 3.91 -18.20
CA VAL D 153 -33.45 4.88 -17.52
C VAL D 153 -32.96 5.11 -16.11
N ASP D 154 -32.43 4.07 -15.47
CA ASP D 154 -32.09 4.15 -14.06
C ASP D 154 -30.60 4.32 -13.84
N SER D 155 -29.84 4.69 -14.88
CA SER D 155 -28.43 5.01 -14.64
C SER D 155 -27.85 6.06 -15.57
N PHE D 156 -28.62 6.65 -16.47
CA PHE D 156 -28.02 7.52 -17.48
C PHE D 156 -27.26 8.68 -16.85
N TRP D 157 -27.68 9.13 -15.64
CA TRP D 157 -27.00 10.25 -15.00
C TRP D 157 -25.66 9.85 -14.41
N LEU D 158 -25.38 8.55 -14.35
CA LEU D 158 -24.11 8.04 -13.87
C LEU D 158 -23.23 7.48 -14.99
N ASP D 159 -23.81 6.85 -16.00
CA ASP D 159 -22.97 6.29 -17.05
C ASP D 159 -23.59 6.36 -18.44
N GLY D 160 -24.56 7.24 -18.67
CA GLY D 160 -25.20 7.43 -19.96
C GLY D 160 -24.74 8.68 -20.68
N GLY D 161 -25.62 9.23 -21.48
CA GLY D 161 -25.31 10.32 -22.38
C GLY D 161 -25.55 11.73 -21.88
N ILE D 162 -26.20 11.91 -20.73
CA ILE D 162 -26.52 13.26 -20.29
C ILE D 162 -25.24 13.99 -19.88
N ARG D 163 -25.14 15.27 -20.25
CA ARG D 163 -24.00 16.10 -19.87
C ARG D 163 -24.49 17.50 -19.51
N ILE D 164 -23.85 18.10 -18.51
CA ILE D 164 -24.23 19.45 -18.06
C ILE D 164 -22.97 20.14 -17.55
N SER D 165 -22.81 21.42 -17.88
CA SER D 165 -21.71 22.21 -17.36
C SER D 165 -22.10 22.90 -16.05
N ALA D 166 -21.09 23.43 -15.35
CA ALA D 166 -21.34 24.23 -14.15
C ALA D 166 -22.21 25.46 -14.45
N THR D 167 -21.95 26.16 -15.55
CA THR D 167 -22.81 27.29 -15.88
C THR D 167 -24.23 26.84 -16.22
N GLU D 168 -24.38 25.65 -16.81
CA GLU D 168 -25.72 25.14 -17.09
C GLU D 168 -26.43 24.67 -15.83
N GLN D 169 -25.69 24.18 -14.84
CA GLN D 169 -26.31 23.88 -13.56
C GLN D 169 -26.90 25.13 -12.96
N ILE D 170 -26.17 26.24 -13.05
CA ILE D 170 -26.65 27.50 -12.49
C ILE D 170 -27.93 27.95 -13.18
N SER D 171 -27.98 27.86 -14.51
CA SER D 171 -29.21 28.25 -15.23
C SER D 171 -30.39 27.47 -14.70
N PHE D 172 -30.20 26.17 -14.52
CA PHE D 172 -31.27 25.31 -14.03
C PHE D 172 -31.68 25.66 -12.59
N LEU D 173 -30.71 25.82 -11.71
CA LEU D 173 -30.99 26.13 -10.32
C LEU D 173 -31.68 27.47 -10.15
N ARG D 174 -31.33 28.47 -10.99
CA ARG D 174 -32.01 29.77 -10.92
C ARG D 174 -33.49 29.62 -11.19
N LYS D 175 -33.86 28.79 -12.16
CA LYS D 175 -35.28 28.56 -12.41
C LYS D 175 -35.94 27.91 -11.19
N LEU D 176 -35.26 26.94 -10.58
CA LEU D 176 -35.81 26.28 -9.40
C LEU D 176 -36.01 27.29 -8.27
N TYR D 177 -35.00 28.10 -8.01
CA TYR D 177 -35.10 29.10 -6.96
C TYR D 177 -36.36 29.96 -7.15
N HIS D 178 -36.64 30.36 -8.38
CA HIS D 178 -37.74 31.25 -8.71
C HIS D 178 -39.06 30.54 -8.98
N ASN D 179 -39.13 29.22 -8.77
CA ASN D 179 -40.35 28.45 -9.00
C ASN D 179 -40.81 28.56 -10.45
N LYS D 180 -39.84 28.70 -11.36
CA LYS D 180 -40.09 28.89 -12.78
C LYS D 180 -40.04 27.60 -13.59
N LEU D 181 -39.68 26.48 -12.99
CA LEU D 181 -39.67 25.25 -13.76
C LEU D 181 -41.10 24.78 -13.98
N HIS D 182 -41.29 23.96 -15.01
CA HIS D 182 -42.62 23.51 -15.40
C HIS D 182 -43.00 22.24 -14.64
N VAL D 183 -43.05 22.41 -13.32
CA VAL D 183 -43.66 21.49 -12.37
C VAL D 183 -44.36 22.38 -11.34
N SER D 184 -45.17 21.77 -10.49
CA SER D 184 -45.95 22.54 -9.52
C SER D 184 -45.04 23.34 -8.60
N GLU D 185 -45.58 24.42 -8.06
CA GLU D 185 -44.87 25.19 -7.03
C GLU D 185 -44.53 24.29 -5.87
N ARG D 186 -45.48 23.47 -5.46
CA ARG D 186 -45.28 22.59 -4.31
C ARG D 186 -44.08 21.68 -4.52
N SER D 187 -43.97 21.09 -5.73
CA SER D 187 -42.83 20.21 -6.01
C SER D 187 -41.52 20.96 -5.84
N GLN D 188 -41.44 22.19 -6.33
CA GLN D 188 -40.21 22.96 -6.23
C GLN D 188 -39.93 23.32 -4.78
N ARG D 189 -40.97 23.70 -4.03
CA ARG D 189 -40.78 23.98 -2.61
C ARG D 189 -40.25 22.76 -1.85
N ILE D 190 -40.82 21.58 -2.10
CA ILE D 190 -40.37 20.39 -1.37
C ILE D 190 -38.92 20.05 -1.73
N VAL D 191 -38.54 20.19 -3.00
CA VAL D 191 -37.16 19.86 -3.35
C VAL D 191 -36.19 20.83 -2.72
N LYS D 192 -36.53 22.12 -2.72
CA LYS D 192 -35.64 23.10 -2.10
C LYS D 192 -35.48 22.83 -0.60
N GLN D 193 -36.56 22.40 0.06
CA GLN D 193 -36.46 21.93 1.44
C GLN D 193 -35.46 20.79 1.56
N ALA D 194 -35.56 19.81 0.65
CA ALA D 194 -34.73 18.62 0.74
C ALA D 194 -33.28 18.88 0.38
N MET D 195 -33.00 20.02 -0.30
CA MET D 195 -31.64 20.49 -0.59
C MET D 195 -30.97 21.17 0.57
N LEU D 196 -31.70 21.48 1.65
CA LEU D 196 -31.11 22.16 2.77
C LEU D 196 -29.86 21.43 3.22
N THR D 197 -28.76 22.17 3.30
CA THR D 197 -27.47 21.61 3.69
C THR D 197 -26.88 22.28 4.90
N GLU D 198 -26.95 23.61 4.98
CA GLU D 198 -26.38 24.34 6.09
C GLU D 198 -27.19 25.62 6.29
N ALA D 199 -27.31 26.05 7.53
CA ALA D 199 -27.95 27.33 7.81
C ALA D 199 -27.50 27.80 9.18
N ASN D 200 -27.35 29.11 9.29
CA ASN D 200 -26.99 29.79 10.52
C ASN D 200 -27.42 31.24 10.37
N GLY D 201 -26.98 32.08 11.29
CA GLY D 201 -27.38 33.47 11.27
C GLY D 201 -26.76 34.30 10.16
N ASP D 202 -25.82 33.74 9.40
CA ASP D 202 -25.18 34.47 8.31
C ASP D 202 -25.61 34.01 6.92
N TYR D 203 -25.97 32.73 6.73
CA TYR D 203 -26.30 32.27 5.39
C TYR D 203 -27.10 30.97 5.49
N ILE D 204 -27.75 30.64 4.36
CA ILE D 204 -28.38 29.35 4.12
C ILE D 204 -27.77 28.78 2.85
N ILE D 205 -27.40 27.50 2.89
CA ILE D 205 -26.91 26.78 1.71
C ILE D 205 -27.90 25.66 1.39
N ARG D 206 -28.41 25.69 0.17
CA ARG D 206 -29.20 24.62 -0.42
C ARG D 206 -28.39 24.09 -1.58
N ALA D 207 -28.19 22.78 -1.62
CA ALA D 207 -27.18 22.27 -2.54
C ALA D 207 -27.27 20.76 -2.61
N LYS D 208 -26.60 20.20 -3.60
CA LYS D 208 -26.48 18.76 -3.74
C LYS D 208 -25.09 18.44 -4.25
N THR D 209 -24.46 17.46 -3.61
CA THR D 209 -23.16 16.94 -4.00
C THR D 209 -23.32 15.91 -5.09
N GLY D 210 -22.22 15.69 -5.82
CA GLY D 210 -22.17 14.58 -6.74
C GLY D 210 -20.75 14.09 -6.88
N TYR D 211 -20.66 12.83 -7.29
CA TYR D 211 -19.36 12.18 -7.51
C TYR D 211 -19.51 11.30 -8.74
N SER D 212 -18.79 11.61 -9.82
CA SER D 212 -18.88 10.87 -11.08
C SER D 212 -17.63 10.02 -11.23
N THR D 213 -17.80 8.70 -11.20
CA THR D 213 -16.69 7.76 -11.27
C THR D 213 -16.82 6.69 -12.35
N ARG D 214 -18.02 6.44 -12.87
CA ARG D 214 -18.23 5.29 -13.76
C ARG D 214 -17.62 5.53 -15.14
N ILE D 215 -17.55 6.79 -15.56
CA ILE D 215 -16.94 7.15 -16.84
C ILE D 215 -15.95 8.27 -16.56
N GLU D 216 -14.79 8.19 -17.19
CA GLU D 216 -13.75 9.18 -16.99
C GLU D 216 -14.18 10.49 -17.63
N PRO D 217 -13.67 11.60 -17.09
CA PRO D 217 -12.78 11.71 -15.94
C PRO D 217 -13.55 11.70 -14.61
N LYS D 218 -12.94 11.18 -13.54
CA LYS D 218 -13.62 11.14 -12.25
C LYS D 218 -13.63 12.55 -11.65
N ILE D 219 -14.83 13.07 -11.36
CA ILE D 219 -14.99 14.43 -10.86
C ILE D 219 -15.94 14.43 -9.68
N GLY D 220 -15.78 15.42 -8.82
CA GLY D 220 -16.74 15.71 -7.78
C GLY D 220 -17.44 17.00 -8.15
N TRP D 221 -18.73 17.06 -7.83
CA TRP D 221 -19.57 18.23 -7.99
C TRP D 221 -20.01 18.76 -6.63
N TRP D 222 -20.21 20.07 -6.56
CA TRP D 222 -21.13 20.66 -5.57
C TRP D 222 -21.89 21.77 -6.27
N VAL D 223 -23.22 21.70 -6.29
CA VAL D 223 -24.03 22.74 -6.92
C VAL D 223 -25.16 23.18 -5.99
N GLY D 224 -25.47 24.48 -6.02
CA GLY D 224 -26.56 24.99 -5.20
C GLY D 224 -26.54 26.50 -5.14
N TRP D 225 -26.93 27.02 -3.98
CA TRP D 225 -26.87 28.45 -3.79
C TRP D 225 -26.74 28.81 -2.31
N VAL D 226 -26.30 30.03 -2.08
CA VAL D 226 -26.16 30.63 -0.77
C VAL D 226 -27.19 31.76 -0.69
N GLU D 227 -28.12 31.64 0.26
CA GLU D 227 -29.12 32.68 0.49
C GLU D 227 -28.57 33.63 1.52
N LEU D 228 -28.51 34.90 1.15
CA LEU D 228 -28.20 36.00 2.07
C LEU D 228 -29.45 36.83 2.33
N ASP D 229 -29.34 37.76 3.29
CA ASP D 229 -30.49 38.58 3.61
C ASP D 229 -31.07 39.25 2.38
N ASP D 230 -30.21 39.76 1.49
CA ASP D 230 -30.68 40.61 0.40
C ASP D 230 -30.10 40.22 -0.95
N ASN D 231 -29.60 39.01 -1.08
CA ASN D 231 -29.11 38.54 -2.37
C ASN D 231 -29.09 37.03 -2.31
N VAL D 232 -28.89 36.41 -3.47
CA VAL D 232 -28.59 34.98 -3.53
C VAL D 232 -27.41 34.79 -4.48
N TRP D 233 -26.44 34.00 -4.05
CA TRP D 233 -25.30 33.64 -4.87
C TRP D 233 -25.45 32.19 -5.27
N PHE D 234 -25.68 31.95 -6.55
CA PHE D 234 -25.71 30.59 -7.06
C PHE D 234 -24.29 30.08 -7.28
N PHE D 235 -24.09 28.77 -7.15
CA PHE D 235 -22.75 28.23 -7.36
C PHE D 235 -22.83 26.85 -7.99
N ALA D 236 -21.78 26.54 -8.73
CA ALA D 236 -21.55 25.18 -9.18
C ALA D 236 -20.04 25.02 -9.34
N MET D 237 -19.53 23.98 -8.74
CA MET D 237 -18.12 23.67 -8.78
C MET D 237 -17.97 22.20 -9.17
N ASN D 238 -16.89 21.90 -9.87
CA ASN D 238 -16.46 20.52 -10.00
C ASN D 238 -14.94 20.50 -9.97
N MET D 239 -14.39 19.35 -9.62
CA MET D 239 -12.97 19.20 -9.42
C MET D 239 -12.61 17.76 -9.72
N ASP D 240 -11.42 17.57 -10.27
CA ASP D 240 -10.90 16.23 -10.47
C ASP D 240 -10.83 15.50 -9.14
N MET D 241 -11.25 14.24 -9.14
CA MET D 241 -11.45 13.47 -7.93
C MET D 241 -10.99 12.04 -8.21
N PRO D 242 -9.67 11.82 -8.32
CA PRO D 242 -9.17 10.45 -8.56
C PRO D 242 -9.54 9.44 -7.50
N THR D 243 -9.67 9.85 -6.23
CA THR D 243 -10.06 8.95 -5.15
C THR D 243 -11.14 9.62 -4.30
N SER D 244 -11.89 8.80 -3.55
CA SER D 244 -12.86 9.39 -2.63
C SER D 244 -12.21 10.13 -1.46
N ASP D 245 -10.88 10.06 -1.30
CA ASP D 245 -10.22 10.77 -0.20
C ASP D 245 -10.55 12.26 -0.20
N GLY D 246 -10.62 12.87 -1.39
CA GLY D 246 -10.72 14.31 -1.49
C GLY D 246 -12.11 14.87 -1.55
N LEU D 247 -13.15 14.08 -1.25
CA LEU D 247 -14.52 14.53 -1.49
C LEU D 247 -14.85 15.75 -0.64
N GLY D 248 -14.35 15.81 0.59
CA GLY D 248 -14.63 16.96 1.44
C GLY D 248 -14.06 18.26 0.91
N LEU D 249 -13.13 18.16 -0.03
CA LEU D 249 -12.60 19.37 -0.65
C LEU D 249 -13.64 20.09 -1.50
N ARG D 250 -14.67 19.39 -1.96
CA ARG D 250 -15.73 20.06 -2.72
C ARG D 250 -16.28 21.25 -1.95
N GLN D 251 -16.76 20.99 -0.73
CA GLN D 251 -17.32 22.05 0.10
C GLN D 251 -16.22 22.98 0.59
N ALA D 252 -15.07 22.43 0.97
CA ALA D 252 -14.04 23.27 1.59
C ALA D 252 -13.55 24.34 0.61
N ILE D 253 -13.27 23.94 -0.63
CA ILE D 253 -12.72 24.90 -1.59
C ILE D 253 -13.77 25.94 -1.99
N THR D 254 -15.01 25.49 -2.24
CA THR D 254 -16.11 26.43 -2.46
C THR D 254 -16.20 27.47 -1.35
N LYS D 255 -16.18 27.01 -0.09
CA LYS D 255 -16.29 27.94 1.04
C LYS D 255 -15.11 28.91 1.08
N GLU D 256 -13.90 28.43 0.71
CA GLU D 256 -12.74 29.33 0.66
C GLU D 256 -12.97 30.44 -0.37
N VAL D 257 -13.57 30.09 -1.50
CA VAL D 257 -13.92 31.11 -2.50
C VAL D 257 -15.00 32.05 -1.96
N LEU D 258 -16.06 31.47 -1.40
CA LEU D 258 -17.12 32.28 -0.82
C LEU D 258 -16.56 33.25 0.20
N LYS D 259 -15.66 32.77 1.07
CA LYS D 259 -15.09 33.65 2.10
C LYS D 259 -14.22 34.72 1.47
N GLN D 260 -13.38 34.35 0.51
CA GLN D 260 -12.53 35.34 -0.17
C GLN D 260 -13.37 36.43 -0.81
N GLU D 261 -14.53 36.06 -1.36
CA GLU D 261 -15.40 37.05 -1.97
C GLU D 261 -16.34 37.73 -0.99
N LYS D 262 -16.16 37.51 0.31
CA LYS D 262 -16.93 38.20 1.34
C LYS D 262 -18.40 37.82 1.33
N ILE D 263 -18.75 36.71 0.68
CA ILE D 263 -20.12 36.22 0.66
C ILE D 263 -20.47 35.59 2.00
N ILE D 264 -19.54 34.82 2.58
CA ILE D 264 -19.70 34.30 3.92
C ILE D 264 -18.51 34.75 4.78
N PRO D 265 -18.67 34.84 6.11
CA PRO D 265 -17.57 35.29 6.97
C PRO D 265 -16.53 34.21 7.17
O01 H9O E . 22.63 -6.04 -15.25
B02 H9O E . 23.15 -5.32 -16.27
O03 H9O E . 24.01 -6.02 -17.15
C04 H9O E . 25.33 -5.65 -16.70
C05 H9O E . 26.45 -6.23 -17.58
C06 H9O E . 26.77 -7.70 -17.32
O07 H9O E . 27.72 -8.25 -17.95
O08 H9O E . 26.07 -8.34 -16.48
C09 H9O E . 27.11 -5.62 -18.52
C10 H9O E . 25.16 -4.15 -16.48
C11 H9O E . 26.02 -3.05 -16.42
C12 H9O E . 25.50 -1.80 -16.11
C13 H9O E . 24.16 -1.62 -15.82
C14 H9O E . 23.31 -2.71 -15.85
C15 H9O E . 23.85 -3.95 -16.22
O01 H9O F . 0.12 -13.01 11.84
B02 H9O F . -0.39 -12.81 13.10
O03 H9O F . -1.50 -13.64 13.43
C04 H9O F . -2.62 -12.78 13.17
C05 H9O F . -3.95 -13.45 13.61
C06 H9O F . -4.52 -14.51 12.67
O07 H9O F . -3.88 -14.85 11.63
O08 H9O F . -5.63 -15.06 12.93
C09 H9O F . -4.60 -13.21 14.71
C10 H9O F . -2.14 -11.44 13.76
C11 H9O F . -2.77 -10.28 14.21
C12 H9O F . -2.00 -9.22 14.61
C13 H9O F . -0.63 -9.24 14.56
C14 H9O F . 0.00 -10.38 14.09
C15 H9O F . -0.80 -11.46 13.72
O01 H9O G . 3.23 7.96 12.21
B02 H9O G . 3.84 7.73 11.00
O03 H9O G . 3.59 8.73 10.01
C04 H9O G . 2.50 8.15 9.27
C05 H9O G . 2.19 8.99 8.01
C06 H9O G . 1.47 10.29 8.27
O07 H9O G . 1.21 11.08 7.34
O08 H9O G . 1.15 10.54 9.47
C09 H9O G . 2.49 8.70 6.78
C10 H9O G . 2.91 6.67 9.18
C11 H9O G . 2.54 5.60 8.37
C12 H9O G . 3.07 4.36 8.62
C13 H9O G . 3.89 4.12 9.70
C14 H9O G . 4.21 5.16 10.52
C15 H9O G . 3.71 6.43 10.22
O01 H9O H . -22.83 11.23 -7.40
B02 H9O H . -23.35 10.46 -6.41
O03 H9O H . -23.49 11.14 -5.15
C04 H9O H . -22.31 10.63 -4.49
C05 H9O H . -22.20 11.10 -3.04
C06 H9O H . -21.69 12.53 -2.87
O07 H9O H . -21.39 13.19 -3.90
O08 H9O H . -21.57 13.02 -1.72
C09 H9O H . -22.50 10.39 -2.00
C10 H9O H . -22.40 9.13 -4.77
C11 H9O H . -21.95 7.97 -4.12
C12 H9O H . -22.18 6.74 -4.70
C13 H9O H . -22.82 6.62 -5.90
C14 H9O H . -23.26 7.76 -6.56
C15 H9O H . -23.03 9.01 -5.95
#